data_7K6N
#
_entry.id   7K6N
#
_cell.length_a   57.711
_cell.length_b   137.918
_cell.length_c   144.046
_cell.angle_alpha   90
_cell.angle_beta   90
_cell.angle_gamma   90
#
_symmetry.space_group_name_H-M   'P 21 21 21'
#
loop_
_entity.id
_entity.type
_entity.pdbx_description
1 polymer 'Phosphatidylinositol 4,5-bisphosphate 3-kinase catalytic subunit alpha isoform'
2 non-polymer 'tert-butyl (3S)-3-[4-(2-aminopyrimidin-5-yl)-2-(morpholin-4-yl)-5,6-dihydro-7H-pyrrolo[2,3-d]pyrimidin-7-yl]-3-methylpyrrolidine-1-carboxylate'
3 water water
#
_entity_poly.entity_id   1
_entity_poly.type   'polypeptide(L)'
_entity_poly.pdbx_seq_one_letter_code
;GSVGNREEKILNREIGFAIGMPVCEFDMVKDPEVQDFRRNILNVCKEAVDLRDLNSPHSRAMYVYPPNVESSPELPKHIY
NKLDKGQIIVVIWVIVSPNNDKQKYTLKINHDCVPEQVIAEAIRKKTRSMLLSSEQLKLCVLEYQGKYILKVCGCDEYFL
EKYPLSQYKYIRSCIMLGRMPNLMLMAKESLYSQLPMDCFTMPSYSRRISTATPYMNGETSTKSLWVINSALRIKILCAT
YVNVNIRDIDKIYVRTGIYHGGEPLCDNVNTQRVPCSNPRWNEWLNYDIYIPDLPRAARLCLSICSVKGRKGAKEEHCPL
AWGNINLFDYTDTLVSGKMALNLWPVPHGLEDLLNPIGVTGSNPNKETPCLELEFDWFSSVVKFPDMSVIEEHANWSVSR
EAGFSYSHAGLSNRLARDNELRENDKEQLKAISTRDPLSEITEQEKDFLWSHRHYCVTIPEILPKLLLSVKWNSRDEVAQ
MYCLVKDWPPIKPEQAMELLDCNYPDPMVRGFAVRCLEKYLTDDKLSQYLIQLVQVLKYEQYLDNLLVRFLLKKALTNQR
IGHFFFWHLKSEMHNKTVSQRFGLLLESYCRACGMYLKHLNRQVEAMEKLINLTDILKQEKKDETQKVQMKFLVEQMRRP
DFMDALQGFLSPLNPAHQLGNLRLEECRIMSSAKRPLWLNWENPDIMSELLFQNNEIIFKNGDDLRQDMLTLQIIRIMEN
IWQNQGLDLRMLPYGCLSIGDCVGLIEVVRNSHTIMQIQCKGGLKGALQFNSHTLHQWLKDKNKGEIYDAAIDLFTRSCA
GYCVATFILGIGDRHNSNIMVKDDGQLFHIDFGHFLDHKKKKFGYKRERVPFVLTQDFLIVISKGAQECTKTREFERFQE
MCYKAYLAIRQHANLFINLFSMMLGSGMPELQSFDDIAYIRKTLALDKTEQEALEYFMKQMNDAHH
;
_entity_poly.pdbx_strand_id   A
#
loop_
_chem_comp.id
_chem_comp.type
_chem_comp.name
_chem_comp.formula
VY4 non-polymer 'tert-butyl (3S)-3-[4-(2-aminopyrimidin-5-yl)-2-(morpholin-4-yl)-5,6-dihydro-7H-pyrrolo[2,3-d]pyrimidin-7-yl]-3-methylpyrrolidine-1-carboxylate' 'C24 H34 N8 O3'
#
# COMPACT_ATOMS: atom_id res chain seq x y z
N GLU A 7 -28.69 0.11 -21.75
CA GLU A 7 -27.74 -0.77 -22.39
C GLU A 7 -26.32 -0.28 -22.00
N GLU A 8 -25.57 0.36 -22.93
CA GLU A 8 -24.28 0.94 -22.59
C GLU A 8 -24.49 2.27 -21.84
N LYS A 9 -25.64 2.96 -22.07
CA LYS A 9 -25.95 4.22 -21.40
C LYS A 9 -26.10 3.98 -19.87
N ILE A 10 -26.67 2.81 -19.48
CA ILE A 10 -26.84 2.44 -18.07
C ILE A 10 -25.47 2.21 -17.44
N LEU A 11 -24.59 1.45 -18.14
CA LEU A 11 -23.25 1.15 -17.65
C LEU A 11 -22.43 2.41 -17.49
N ASN A 12 -22.49 3.33 -18.45
CA ASN A 12 -21.74 4.59 -18.36
C ASN A 12 -22.19 5.48 -17.22
N ARG A 13 -23.47 5.38 -16.85
CA ARG A 13 -24.04 6.15 -15.75
C ARG A 13 -23.54 5.56 -14.42
N GLU A 14 -23.53 4.22 -14.32
CA GLU A 14 -23.01 3.55 -13.14
C GLU A 14 -21.50 3.79 -12.95
N ILE A 15 -20.71 3.76 -14.05
CA ILE A 15 -19.28 4.00 -13.98
C ILE A 15 -19.01 5.43 -13.54
N GLY A 16 -19.72 6.37 -14.15
CA GLY A 16 -19.62 7.78 -13.80
C GLY A 16 -19.89 8.07 -12.35
N PHE A 17 -20.88 7.39 -11.76
CA PHE A 17 -21.19 7.59 -10.34
C PHE A 17 -20.08 7.02 -9.45
N ALA A 18 -19.48 5.87 -9.84
CA ALA A 18 -18.42 5.23 -9.08
C ALA A 18 -17.18 6.06 -9.03
N ILE A 19 -16.74 6.62 -10.17
CA ILE A 19 -15.56 7.48 -10.24
C ILE A 19 -15.82 8.89 -9.72
N GLY A 20 -17.05 9.36 -9.87
CA GLY A 20 -17.43 10.73 -9.50
C GLY A 20 -17.10 11.70 -10.62
N MET A 21 -17.17 11.22 -11.87
CA MET A 21 -16.79 11.91 -13.08
C MET A 21 -17.59 11.26 -14.19
N PRO A 22 -18.35 12.01 -15.01
CA PRO A 22 -19.01 11.38 -16.16
C PRO A 22 -17.96 10.89 -17.16
N VAL A 23 -18.21 9.70 -17.72
CA VAL A 23 -17.38 9.01 -18.68
C VAL A 23 -17.17 9.85 -19.96
N CYS A 24 -18.18 10.63 -20.35
CA CYS A 24 -18.08 11.53 -21.53
C CYS A 24 -17.01 12.61 -21.37
N GLU A 25 -16.56 12.90 -20.14
CA GLU A 25 -15.46 13.83 -19.92
C GLU A 25 -14.14 13.22 -20.43
N PHE A 26 -14.02 11.87 -20.44
CA PHE A 26 -12.83 11.20 -20.97
C PHE A 26 -12.85 11.23 -22.52
N ASP A 27 -14.05 11.18 -23.11
CA ASP A 27 -14.22 11.23 -24.56
C ASP A 27 -13.79 12.61 -25.11
N MET A 28 -13.96 13.69 -24.30
CA MET A 28 -13.58 15.04 -24.68
C MET A 28 -12.06 15.29 -24.60
N VAL A 29 -11.28 14.38 -24.02
CA VAL A 29 -9.84 14.59 -23.88
C VAL A 29 -9.14 14.40 -25.23
N LYS A 30 -8.40 15.43 -25.66
CA LYS A 30 -7.71 15.44 -26.94
C LYS A 30 -6.41 14.63 -26.95
N ASP A 31 -5.77 14.47 -25.79
CA ASP A 31 -4.51 13.72 -25.64
C ASP A 31 -4.58 12.30 -26.23
N PRO A 32 -3.77 12.01 -27.30
CA PRO A 32 -3.81 10.66 -27.89
C PRO A 32 -3.35 9.55 -26.94
N GLU A 33 -2.53 9.89 -25.93
CA GLU A 33 -2.11 8.91 -24.94
C GLU A 33 -3.31 8.45 -24.12
N VAL A 34 -4.22 9.37 -23.79
CA VAL A 34 -5.41 9.09 -23.01
C VAL A 34 -6.31 8.17 -23.80
N GLN A 35 -6.56 8.51 -25.08
CA GLN A 35 -7.45 7.71 -25.91
C GLN A 35 -6.87 6.36 -26.25
N ASP A 36 -5.55 6.28 -26.41
CA ASP A 36 -4.90 5.01 -26.68
C ASP A 36 -4.94 4.13 -25.47
N PHE A 37 -4.80 4.70 -24.25
CA PHE A 37 -4.90 3.89 -23.03
C PHE A 37 -6.29 3.22 -22.93
N ARG A 38 -7.35 4.02 -23.09
CA ARG A 38 -8.72 3.57 -23.02
C ARG A 38 -9.01 2.39 -23.94
N ARG A 39 -8.44 2.41 -25.15
CA ARG A 39 -8.67 1.34 -26.12
C ARG A 39 -7.70 0.14 -25.91
N ASN A 40 -6.41 0.41 -25.72
CA ASN A 40 -5.42 -0.63 -25.58
C ASN A 40 -5.50 -1.42 -24.30
N ILE A 41 -6.07 -0.86 -23.23
CA ILE A 41 -6.18 -1.59 -21.95
C ILE A 41 -7.24 -2.68 -21.99
N LEU A 42 -8.20 -2.59 -22.94
CA LEU A 42 -9.33 -3.51 -23.03
C LEU A 42 -8.96 -4.98 -23.18
N ASN A 43 -7.75 -5.30 -23.68
CA ASN A 43 -7.37 -6.71 -23.74
C ASN A 43 -7.16 -7.30 -22.33
N VAL A 44 -6.73 -6.46 -21.37
CA VAL A 44 -6.56 -6.92 -19.98
C VAL A 44 -7.95 -7.31 -19.41
N CYS A 45 -8.99 -6.49 -19.74
CA CYS A 45 -10.37 -6.73 -19.36
C CYS A 45 -10.87 -8.04 -19.99
N LYS A 46 -10.67 -8.23 -21.33
CA LYS A 46 -11.06 -9.46 -22.04
C LYS A 46 -10.40 -10.70 -21.43
N GLU A 47 -9.12 -10.63 -21.08
CA GLU A 47 -8.43 -11.77 -20.50
C GLU A 47 -8.96 -12.11 -19.14
N ALA A 48 -9.33 -11.11 -18.33
CA ALA A 48 -9.81 -11.37 -16.99
C ALA A 48 -11.19 -12.00 -17.01
N VAL A 49 -12.05 -11.51 -17.88
CA VAL A 49 -13.39 -12.01 -18.08
C VAL A 49 -13.34 -13.46 -18.59
N ASP A 50 -12.41 -13.80 -19.51
CA ASP A 50 -12.27 -15.17 -20.01
C ASP A 50 -11.85 -16.12 -18.90
N LEU A 51 -10.99 -15.66 -17.98
CA LEU A 51 -10.55 -16.50 -16.86
C LEU A 51 -11.76 -16.83 -15.92
N ARG A 52 -12.66 -15.85 -15.75
CA ARG A 52 -13.87 -15.97 -14.96
C ARG A 52 -14.93 -16.88 -15.63
N ASP A 53 -14.91 -17.00 -16.99
CA ASP A 53 -15.86 -17.84 -17.72
C ASP A 53 -15.32 -19.26 -18.01
N LEU A 54 -14.02 -19.53 -17.75
CA LEU A 54 -13.39 -20.82 -18.03
C LEU A 54 -14.18 -22.01 -17.48
N ASN A 55 -14.30 -22.11 -16.18
CA ASN A 55 -15.01 -23.18 -15.53
C ASN A 55 -16.24 -22.59 -14.84
N SER A 56 -17.03 -21.76 -15.56
CA SER A 56 -18.25 -21.19 -14.97
C SER A 56 -19.24 -22.31 -14.62
N PRO A 57 -19.88 -22.26 -13.45
CA PRO A 57 -19.93 -21.13 -12.53
C PRO A 57 -18.94 -21.18 -11.36
N HIS A 58 -18.13 -22.23 -11.26
CA HIS A 58 -17.18 -22.35 -10.16
C HIS A 58 -16.13 -21.24 -10.25
N SER A 59 -15.64 -20.96 -11.46
CA SER A 59 -14.61 -19.95 -11.68
C SER A 59 -15.17 -18.53 -11.41
N ARG A 60 -16.47 -18.31 -11.68
CA ARG A 60 -17.14 -17.06 -11.37
C ARG A 60 -17.27 -16.89 -9.87
N ALA A 61 -17.58 -17.99 -9.16
CA ALA A 61 -17.71 -18.02 -7.71
C ALA A 61 -16.36 -17.76 -7.07
N MET A 62 -15.26 -18.27 -7.63
CA MET A 62 -13.92 -18.02 -7.09
C MET A 62 -13.46 -16.58 -7.27
N TYR A 63 -14.04 -15.88 -8.23
CA TYR A 63 -13.69 -14.51 -8.51
C TYR A 63 -14.38 -13.63 -7.46
N VAL A 64 -15.69 -13.84 -7.27
CA VAL A 64 -16.47 -13.11 -6.29
C VAL A 64 -16.10 -13.47 -4.86
N TYR A 65 -15.90 -14.75 -4.56
CA TYR A 65 -15.54 -15.19 -3.22
C TYR A 65 -14.24 -15.98 -3.24
N PRO A 66 -13.11 -15.29 -3.44
CA PRO A 66 -11.82 -16.00 -3.49
C PRO A 66 -11.47 -16.64 -2.18
N PRO A 67 -10.78 -17.79 -2.17
CA PRO A 67 -10.40 -18.40 -0.88
C PRO A 67 -9.45 -17.47 -0.14
N ASN A 68 -9.75 -17.18 1.11
CA ASN A 68 -8.93 -16.30 1.92
C ASN A 68 -7.97 -17.18 2.67
N VAL A 69 -6.86 -17.49 2.01
CA VAL A 69 -5.83 -18.40 2.50
C VAL A 69 -4.49 -17.72 2.73
N GLU A 70 -3.66 -18.33 3.57
CA GLU A 70 -2.28 -17.93 3.78
C GLU A 70 -1.48 -18.40 2.55
N SER A 71 -0.27 -17.86 2.34
CA SER A 71 0.53 -18.25 1.17
C SER A 71 1.15 -19.65 1.27
N SER A 72 1.25 -20.20 2.49
CA SER A 72 1.83 -21.54 2.70
C SER A 72 0.99 -22.47 3.58
N PRO A 73 0.86 -23.74 3.17
CA PRO A 73 0.19 -24.72 4.05
C PRO A 73 1.07 -25.14 5.25
N GLU A 74 2.40 -24.90 5.21
CA GLU A 74 3.30 -25.25 6.31
C GLU A 74 2.99 -24.43 7.54
N LEU A 75 2.73 -25.10 8.66
CA LEU A 75 2.37 -24.42 9.91
C LEU A 75 3.58 -24.22 10.77
N PRO A 76 3.79 -23.02 11.34
CA PRO A 76 4.92 -22.84 12.28
C PRO A 76 4.78 -23.79 13.48
N LYS A 77 5.89 -24.28 14.02
CA LYS A 77 5.87 -25.26 15.12
C LYS A 77 4.97 -24.86 16.31
N HIS A 78 4.89 -23.57 16.64
CA HIS A 78 4.04 -23.13 17.75
C HIS A 78 2.54 -23.18 17.43
N ILE A 79 2.17 -23.12 16.13
CA ILE A 79 0.77 -23.22 15.72
C ILE A 79 0.37 -24.68 15.71
N TYR A 80 1.22 -25.56 15.18
CA TYR A 80 0.93 -27.00 15.20
C TYR A 80 0.79 -27.53 16.65
N ASN A 81 1.50 -26.93 17.61
CA ASN A 81 1.45 -27.33 19.01
C ASN A 81 0.10 -27.00 19.68
N LYS A 82 -0.59 -25.96 19.19
CA LYS A 82 -1.91 -25.57 19.69
C LYS A 82 -3.01 -26.63 19.34
N LEU A 83 -2.77 -27.46 18.31
CA LEU A 83 -3.70 -28.51 17.92
C LEU A 83 -3.63 -29.71 18.90
N ASP A 84 -4.63 -30.61 18.86
CA ASP A 84 -4.65 -31.82 19.68
C ASP A 84 -4.11 -32.97 18.84
N LYS A 85 -2.78 -33.22 18.93
CA LYS A 85 -2.10 -34.26 18.18
C LYS A 85 -2.33 -34.10 16.67
N GLY A 86 -2.24 -32.86 16.20
CA GLY A 86 -2.38 -32.50 14.79
C GLY A 86 -3.81 -32.40 14.28
N GLN A 87 -4.79 -32.41 15.18
CA GLN A 87 -6.21 -32.40 14.83
C GLN A 87 -6.96 -31.20 15.38
N ILE A 88 -7.98 -30.76 14.65
CA ILE A 88 -8.78 -29.61 15.03
C ILE A 88 -10.26 -29.99 15.24
N ILE A 89 -10.92 -29.34 16.20
CA ILE A 89 -12.35 -29.52 16.43
C ILE A 89 -13.10 -28.36 15.75
N VAL A 90 -13.98 -28.70 14.83
CA VAL A 90 -14.75 -27.71 14.08
C VAL A 90 -16.24 -27.94 14.30
N VAL A 91 -17.05 -26.88 14.28
CA VAL A 91 -18.50 -27.03 14.40
C VAL A 91 -19.11 -26.77 13.03
N ILE A 92 -19.84 -27.73 12.48
CA ILE A 92 -20.47 -27.59 11.19
C ILE A 92 -21.96 -27.40 11.39
N TRP A 93 -22.50 -26.29 10.93
CA TRP A 93 -23.90 -25.96 11.08
C TRP A 93 -24.72 -26.19 9.82
N VAL A 94 -25.96 -26.59 10.00
CA VAL A 94 -26.89 -26.84 8.89
C VAL A 94 -28.19 -26.09 9.19
N ILE A 95 -28.78 -25.45 8.16
CA ILE A 95 -30.07 -24.78 8.32
C ILE A 95 -31.13 -25.72 7.77
N VAL A 96 -31.98 -26.24 8.66
CA VAL A 96 -33.02 -27.18 8.29
C VAL A 96 -34.32 -26.39 8.11
N SER A 97 -34.80 -26.36 6.88
CA SER A 97 -36.05 -25.67 6.56
C SER A 97 -37.25 -26.56 7.00
N PRO A 98 -38.48 -26.02 7.22
CA PRO A 98 -38.95 -24.65 6.96
C PRO A 98 -38.71 -23.62 8.05
N ASN A 99 -38.69 -24.05 9.32
CA ASN A 99 -38.47 -23.17 10.48
C ASN A 99 -37.04 -22.58 10.53
N ASN A 100 -36.16 -23.00 9.58
CA ASN A 100 -34.79 -22.56 9.47
C ASN A 100 -34.03 -22.74 10.78
N ASP A 101 -34.16 -23.93 11.39
CA ASP A 101 -33.49 -24.30 12.62
C ASP A 101 -31.99 -24.51 12.38
N LYS A 102 -31.17 -24.06 13.31
CA LYS A 102 -29.73 -24.21 13.20
C LYS A 102 -29.30 -25.44 13.98
N GLN A 103 -28.82 -26.48 13.28
CA GLN A 103 -28.33 -27.70 13.91
C GLN A 103 -26.83 -27.81 13.76
N LYS A 104 -26.11 -28.11 14.85
CA LYS A 104 -24.64 -28.23 14.82
C LYS A 104 -24.15 -29.67 14.90
N TYR A 105 -23.02 -29.95 14.24
CA TYR A 105 -22.36 -31.26 14.21
C TYR A 105 -20.87 -31.01 14.43
N THR A 106 -20.34 -31.41 15.60
CA THR A 106 -18.96 -31.18 16.01
C THR A 106 -18.03 -32.30 15.54
N LEU A 107 -16.95 -31.95 14.83
CA LEU A 107 -16.00 -32.91 14.26
C LEU A 107 -14.61 -32.71 14.84
N LYS A 108 -13.77 -33.77 14.80
CA LYS A 108 -12.37 -33.71 15.21
C LYS A 108 -11.63 -34.35 14.05
N ILE A 109 -11.06 -33.50 13.21
CA ILE A 109 -10.44 -33.91 11.96
C ILE A 109 -9.00 -33.42 11.86
N ASN A 110 -8.21 -34.00 10.94
CA ASN A 110 -6.81 -33.54 10.75
C ASN A 110 -6.82 -32.10 10.25
N HIS A 111 -5.95 -31.26 10.80
CA HIS A 111 -5.88 -29.84 10.41
C HIS A 111 -5.78 -29.61 8.89
N ASP A 112 -5.17 -30.55 8.15
CA ASP A 112 -4.96 -30.43 6.72
C ASP A 112 -6.04 -31.09 5.86
N CYS A 113 -7.21 -31.35 6.44
CA CYS A 113 -8.32 -31.92 5.68
C CYS A 113 -8.85 -30.88 4.71
N VAL A 114 -9.09 -31.25 3.45
CA VAL A 114 -9.62 -30.32 2.47
C VAL A 114 -11.13 -30.13 2.69
N PRO A 115 -11.73 -29.00 2.24
CA PRO A 115 -13.16 -28.76 2.49
C PRO A 115 -14.11 -29.93 2.16
N GLU A 116 -13.87 -30.68 1.08
CA GLU A 116 -14.77 -31.81 0.74
C GLU A 116 -14.66 -32.95 1.75
N GLN A 117 -13.48 -33.13 2.36
CA GLN A 117 -13.31 -34.16 3.36
C GLN A 117 -14.08 -33.80 4.61
N VAL A 118 -14.07 -32.51 5.02
CA VAL A 118 -14.79 -31.98 6.17
C VAL A 118 -16.29 -32.15 5.95
N ILE A 119 -16.77 -31.81 4.74
CA ILE A 119 -18.18 -31.94 4.40
C ILE A 119 -18.64 -33.40 4.50
N ALA A 120 -17.85 -34.34 3.98
CA ALA A 120 -18.15 -35.78 4.00
C ALA A 120 -18.26 -36.29 5.44
N GLU A 121 -17.35 -35.84 6.31
CA GLU A 121 -17.32 -36.20 7.71
C GLU A 121 -18.54 -35.61 8.47
N ALA A 122 -19.05 -34.45 8.03
CA ALA A 122 -20.24 -33.82 8.62
C ALA A 122 -21.49 -34.56 8.16
N ILE A 123 -21.54 -34.98 6.88
CA ILE A 123 -22.64 -35.77 6.33
C ILE A 123 -22.71 -37.11 7.10
N ARG A 124 -21.55 -37.73 7.35
CA ARG A 124 -21.46 -38.98 8.11
C ARG A 124 -22.03 -38.81 9.52
N LYS A 125 -21.58 -37.79 10.27
CA LYS A 125 -22.06 -37.52 11.62
C LYS A 125 -23.56 -37.17 11.64
N LYS A 126 -24.06 -36.49 10.58
CA LYS A 126 -25.46 -36.10 10.47
C LYS A 126 -26.34 -37.31 10.22
N THR A 127 -25.98 -38.15 9.24
CA THR A 127 -26.74 -39.34 8.88
C THR A 127 -26.71 -40.43 9.95
N ARG A 128 -25.69 -40.44 10.81
CA ARG A 128 -25.60 -41.43 11.88
C ARG A 128 -26.51 -41.04 13.06
N SER A 129 -27.81 -41.33 12.94
CA SER A 129 -28.76 -41.06 14.02
C SER A 129 -29.74 -42.23 14.21
N GLN A 145 -22.78 -35.37 -1.60
CA GLN A 145 -21.44 -35.10 -1.10
C GLN A 145 -20.72 -33.92 -1.85
N GLY A 146 -20.57 -34.04 -3.19
CA GLY A 146 -19.98 -33.00 -4.01
C GLY A 146 -20.93 -31.86 -4.35
N LYS A 147 -22.12 -31.83 -3.74
CA LYS A 147 -23.12 -30.81 -3.98
C LYS A 147 -23.14 -29.71 -2.89
N TYR A 148 -22.14 -29.68 -2.00
CA TYR A 148 -22.13 -28.72 -0.90
C TYR A 148 -20.83 -27.93 -0.78
N ILE A 149 -20.89 -26.76 -0.14
CA ILE A 149 -19.76 -25.90 0.14
C ILE A 149 -19.78 -25.45 1.61
N LEU A 150 -18.63 -25.02 2.12
CA LEU A 150 -18.54 -24.49 3.47
C LEU A 150 -18.38 -22.98 3.41
N LYS A 151 -19.07 -22.31 4.31
CA LYS A 151 -19.06 -20.86 4.49
C LYS A 151 -18.71 -20.56 5.98
N VAL A 152 -18.07 -19.43 6.27
CA VAL A 152 -17.79 -19.05 7.64
C VAL A 152 -19.11 -18.51 8.20
N CYS A 153 -19.53 -18.95 9.39
CA CYS A 153 -20.74 -18.44 10.03
C CYS A 153 -20.56 -16.96 10.34
N GLY A 154 -21.53 -16.15 9.98
CA GLY A 154 -21.48 -14.72 10.28
C GLY A 154 -21.00 -13.77 9.20
N CYS A 155 -20.32 -14.25 8.15
CA CYS A 155 -19.83 -13.40 7.08
C CYS A 155 -19.75 -14.12 5.73
N ASP A 156 -19.65 -13.35 4.64
CA ASP A 156 -19.57 -13.90 3.29
C ASP A 156 -18.18 -14.35 2.89
N GLU A 157 -17.72 -15.42 3.52
CA GLU A 157 -16.44 -15.99 3.22
C GLU A 157 -16.62 -17.49 3.02
N TYR A 158 -16.17 -18.00 1.88
CA TYR A 158 -16.38 -19.38 1.50
C TYR A 158 -15.10 -20.16 1.36
N PHE A 159 -15.21 -21.50 1.41
CA PHE A 159 -14.08 -22.41 1.26
C PHE A 159 -14.29 -23.16 -0.08
N LEU A 160 -14.22 -22.43 -1.20
CA LEU A 160 -14.47 -23.02 -2.53
C LEU A 160 -13.28 -23.79 -3.17
N GLU A 161 -12.10 -23.78 -2.55
CA GLU A 161 -10.95 -24.47 -3.12
C GLU A 161 -10.37 -25.54 -2.18
N LYS A 162 -9.82 -26.60 -2.79
CA LYS A 162 -9.21 -27.79 -2.17
C LYS A 162 -7.91 -27.53 -1.37
N TYR A 163 -7.82 -26.45 -0.61
CA TYR A 163 -6.65 -26.18 0.23
C TYR A 163 -6.85 -26.90 1.57
N PRO A 164 -5.77 -27.32 2.25
CA PRO A 164 -5.94 -27.88 3.60
C PRO A 164 -6.65 -26.86 4.50
N LEU A 165 -7.63 -27.30 5.29
CA LEU A 165 -8.45 -26.42 6.14
C LEU A 165 -7.66 -25.38 6.92
N SER A 166 -6.56 -25.78 7.58
CA SER A 166 -5.75 -24.85 8.38
C SER A 166 -5.05 -23.74 7.58
N GLN A 167 -4.99 -23.86 6.24
CA GLN A 167 -4.39 -22.80 5.43
C GLN A 167 -5.35 -21.62 5.23
N TYR A 168 -6.68 -21.83 5.42
CA TYR A 168 -7.65 -20.75 5.34
C TYR A 168 -7.40 -19.84 6.55
N LYS A 169 -7.28 -18.53 6.30
CA LYS A 169 -6.98 -17.54 7.32
C LYS A 169 -7.93 -17.60 8.48
N TYR A 170 -9.23 -17.85 8.27
CA TYR A 170 -10.17 -17.97 9.38
C TYR A 170 -9.81 -19.14 10.30
N ILE A 171 -9.48 -20.31 9.72
CA ILE A 171 -9.12 -21.50 10.48
C ILE A 171 -7.79 -21.31 11.20
N ARG A 172 -6.77 -20.79 10.49
CA ARG A 172 -5.44 -20.51 11.02
C ARG A 172 -5.57 -19.53 12.20
N SER A 173 -6.43 -18.53 12.04
CA SER A 173 -6.71 -17.54 13.08
C SER A 173 -7.42 -18.18 14.28
N CYS A 174 -8.21 -19.23 14.06
CA CYS A 174 -8.92 -19.91 15.15
C CYS A 174 -7.94 -20.77 15.96
N ILE A 175 -7.00 -21.48 15.26
CA ILE A 175 -5.96 -22.31 15.90
C ILE A 175 -5.16 -21.43 16.90
N MET A 176 -4.62 -20.31 16.42
CA MET A 176 -4.03 -19.29 17.30
C MET A 176 -5.26 -18.60 17.90
N LEU A 177 -5.20 -18.09 19.14
CA LEU A 177 -6.39 -17.45 19.74
C LEU A 177 -7.33 -18.48 20.41
N GLY A 178 -7.14 -19.77 20.12
CA GLY A 178 -7.87 -20.89 20.70
C GLY A 178 -9.38 -20.84 20.56
N ARG A 179 -9.89 -20.24 19.48
CA ARG A 179 -11.33 -20.19 19.25
C ARG A 179 -11.78 -21.44 18.45
N MET A 180 -13.07 -21.76 18.49
CA MET A 180 -13.59 -22.91 17.74
C MET A 180 -14.19 -22.46 16.43
N PRO A 181 -13.74 -23.06 15.30
CA PRO A 181 -14.30 -22.66 14.01
C PRO A 181 -15.77 -23.02 13.88
N ASN A 182 -16.58 -22.08 13.41
CA ASN A 182 -17.99 -22.33 13.18
C ASN A 182 -18.24 -22.16 11.71
N LEU A 183 -18.43 -23.26 11.01
CA LEU A 183 -18.69 -23.23 9.58
C LEU A 183 -20.12 -23.63 9.27
N MET A 184 -20.64 -23.19 8.13
CA MET A 184 -22.00 -23.47 7.74
C MET A 184 -22.03 -24.21 6.42
N LEU A 185 -22.71 -25.36 6.41
CA LEU A 185 -22.86 -26.19 5.24
C LEU A 185 -23.95 -25.56 4.39
N MET A 186 -23.67 -25.43 3.10
CA MET A 186 -24.60 -24.77 2.18
C MET A 186 -24.63 -25.52 0.85
N ALA A 187 -25.79 -25.53 0.20
CA ALA A 187 -25.90 -26.17 -1.12
C ALA A 187 -25.08 -25.36 -2.11
N LYS A 188 -24.28 -26.03 -2.94
CA LYS A 188 -23.48 -25.42 -3.98
C LYS A 188 -24.36 -24.60 -4.94
N GLU A 189 -25.54 -25.14 -5.31
CA GLU A 189 -26.51 -24.51 -6.18
C GLU A 189 -27.13 -23.24 -5.56
N SER A 190 -27.25 -23.21 -4.22
CA SER A 190 -27.78 -22.01 -3.55
C SER A 190 -26.86 -20.81 -3.77
N LEU A 191 -25.53 -21.04 -3.87
CA LEU A 191 -24.57 -19.98 -4.08
C LEU A 191 -24.50 -19.60 -5.56
N TYR A 192 -24.32 -20.59 -6.45
CA TYR A 192 -24.17 -20.44 -7.89
C TYR A 192 -25.37 -19.76 -8.54
N SER A 193 -26.56 -19.96 -7.99
CA SER A 193 -27.77 -19.31 -8.48
C SER A 193 -27.79 -17.80 -8.15
N GLN A 194 -27.11 -17.40 -7.09
CA GLN A 194 -27.01 -15.98 -6.71
C GLN A 194 -25.88 -15.23 -7.46
N LEU A 195 -25.16 -15.90 -8.39
CA LEU A 195 -24.10 -15.25 -9.18
C LEU A 195 -24.73 -14.82 -10.49
N PRO A 196 -24.92 -13.52 -10.71
CA PRO A 196 -25.53 -13.08 -11.97
C PRO A 196 -24.56 -13.17 -13.15
N MET A 197 -25.09 -13.20 -14.37
CA MET A 197 -24.26 -13.29 -15.56
C MET A 197 -23.57 -11.94 -15.86
N ASP A 198 -22.22 -11.94 -15.82
CA ASP A 198 -21.38 -10.77 -16.07
C ASP A 198 -21.53 -10.29 -17.51
N CYS A 199 -21.84 -9.01 -17.67
CA CYS A 199 -22.07 -8.45 -18.98
C CYS A 199 -20.94 -7.53 -19.46
N PHE A 200 -19.70 -8.08 -19.60
CA PHE A 200 -18.61 -7.26 -20.13
C PHE A 200 -18.88 -7.08 -21.61
N THR A 201 -18.99 -5.83 -22.04
CA THR A 201 -19.23 -5.51 -23.42
C THR A 201 -18.20 -4.48 -23.87
N MET A 202 -17.61 -4.66 -25.04
CA MET A 202 -16.61 -3.73 -25.55
C MET A 202 -17.23 -2.36 -25.77
N PRO A 203 -16.62 -1.31 -25.20
CA PRO A 203 -17.21 0.03 -25.33
C PRO A 203 -17.16 0.64 -26.72
N SER A 204 -18.00 1.68 -26.94
CA SER A 204 -18.13 2.41 -28.20
C SER A 204 -16.80 2.98 -28.72
N TYR A 205 -15.91 3.38 -27.80
CA TYR A 205 -14.62 3.94 -28.20
C TYR A 205 -13.63 2.85 -28.62
N THR A 222 10.93 7.81 -40.22
CA THR A 222 11.52 8.27 -38.96
C THR A 222 13.03 8.07 -38.86
N LYS A 223 13.73 9.01 -38.18
CA LYS A 223 15.16 8.88 -37.87
C LYS A 223 15.35 8.16 -36.52
N SER A 224 16.53 7.57 -36.28
CA SER A 224 16.81 6.93 -34.99
C SER A 224 17.45 7.97 -34.08
N LEU A 225 17.21 7.87 -32.76
CA LEU A 225 17.81 8.78 -31.78
C LEU A 225 19.35 8.79 -31.88
N TRP A 226 19.90 7.65 -32.17
CA TRP A 226 21.32 7.40 -32.19
C TRP A 226 22.08 7.91 -33.44
N VAL A 227 21.36 8.45 -34.44
CA VAL A 227 22.00 9.09 -35.58
C VAL A 227 21.99 10.65 -35.47
N ILE A 228 21.63 11.18 -34.29
CA ILE A 228 21.60 12.61 -34.05
C ILE A 228 22.88 12.96 -33.33
N ASN A 229 23.84 13.57 -34.04
CA ASN A 229 25.13 13.92 -33.46
C ASN A 229 25.08 15.36 -32.98
N SER A 230 24.19 15.66 -32.04
CA SER A 230 24.06 17.02 -31.50
C SER A 230 23.87 17.01 -29.96
N ALA A 231 24.32 18.08 -29.27
CA ALA A 231 24.13 18.17 -27.82
C ALA A 231 22.69 18.63 -27.54
N LEU A 232 22.14 18.30 -26.37
CA LEU A 232 20.77 18.70 -26.05
C LEU A 232 20.70 20.18 -25.68
N ARG A 233 19.76 20.90 -26.31
CA ARG A 233 19.49 22.30 -26.04
C ARG A 233 17.95 22.52 -26.00
N ILE A 234 17.47 23.38 -25.11
CA ILE A 234 16.04 23.65 -24.97
C ILE A 234 15.87 25.15 -24.85
N LYS A 235 14.95 25.72 -25.63
CA LYS A 235 14.73 27.15 -25.57
C LYS A 235 13.63 27.47 -24.60
N ILE A 236 13.87 28.39 -23.67
CA ILE A 236 12.85 28.86 -22.76
C ILE A 236 12.40 30.19 -23.38
N LEU A 237 11.19 30.21 -23.92
CA LEU A 237 10.65 31.38 -24.60
C LEU A 237 10.15 32.41 -23.62
N CYS A 238 8.97 32.18 -23.00
CA CYS A 238 8.38 33.16 -22.10
C CYS A 238 7.42 32.48 -21.11
N ALA A 239 6.88 33.25 -20.17
CA ALA A 239 5.93 32.75 -19.21
C ALA A 239 4.73 33.65 -19.19
N THR A 240 3.55 33.05 -19.10
CA THR A 240 2.29 33.77 -18.96
C THR A 240 1.63 33.39 -17.62
N TYR A 241 0.70 34.20 -17.15
CA TYR A 241 0.04 34.00 -15.87
C TYR A 241 1.01 34.09 -14.69
N VAL A 242 2.08 34.92 -14.81
CA VAL A 242 3.03 35.16 -13.73
C VAL A 242 3.09 36.65 -13.38
N ILE A 249 10.37 39.56 -3.44
CA ILE A 249 10.82 39.19 -4.79
C ILE A 249 11.49 40.36 -5.49
N ASP A 250 12.59 40.11 -6.22
CA ASP A 250 13.33 41.13 -6.96
C ASP A 250 13.38 40.73 -8.42
N LYS A 251 13.75 39.48 -8.67
CA LYS A 251 13.88 38.95 -10.01
C LYS A 251 13.34 37.51 -10.06
N ILE A 252 13.10 37.01 -11.28
CA ILE A 252 12.54 35.71 -11.54
C ILE A 252 13.36 35.01 -12.65
N TYR A 253 13.50 33.70 -12.52
CA TYR A 253 14.23 32.91 -13.51
C TYR A 253 13.64 31.51 -13.62
N VAL A 254 14.01 30.79 -14.68
CA VAL A 254 13.59 29.42 -14.88
C VAL A 254 14.77 28.50 -14.59
N ARG A 255 14.59 27.60 -13.60
CA ARG A 255 15.59 26.59 -13.25
C ARG A 255 15.24 25.31 -14.00
N THR A 256 16.21 24.71 -14.71
CA THR A 256 15.95 23.48 -15.48
C THR A 256 16.97 22.35 -15.17
N GLY A 257 16.61 21.11 -15.45
CA GLY A 257 17.51 19.99 -15.28
C GLY A 257 17.13 18.76 -16.07
N ILE A 258 18.13 17.94 -16.46
CA ILE A 258 17.83 16.69 -17.14
C ILE A 258 17.98 15.60 -16.08
N TYR A 259 16.90 14.86 -15.79
CA TYR A 259 16.92 13.86 -14.72
C TYR A 259 16.52 12.46 -15.18
N HIS A 260 16.97 11.45 -14.41
CA HIS A 260 16.63 10.04 -14.56
C HIS A 260 16.28 9.68 -13.17
N GLY A 261 14.99 9.64 -12.87
CA GLY A 261 14.53 9.47 -11.51
C GLY A 261 14.71 10.82 -10.83
N GLY A 262 15.38 10.79 -9.68
CA GLY A 262 15.72 12.00 -8.93
C GLY A 262 17.20 12.37 -9.07
N GLU A 263 17.89 11.76 -10.07
CA GLU A 263 19.29 11.98 -10.34
C GLU A 263 19.51 12.79 -11.60
N PRO A 264 20.27 13.90 -11.49
CA PRO A 264 20.55 14.71 -12.69
C PRO A 264 21.57 14.03 -13.61
N LEU A 265 21.29 13.97 -14.91
CA LEU A 265 22.15 13.38 -15.94
C LEU A 265 23.27 14.30 -16.41
N CYS A 266 23.22 15.59 -16.03
CA CYS A 266 24.15 16.67 -16.37
C CYS A 266 23.93 17.80 -15.33
N ASP A 267 24.63 18.95 -15.43
CA ASP A 267 24.42 20.02 -14.45
C ASP A 267 23.12 20.79 -14.73
N ASN A 268 22.47 21.32 -13.69
CA ASN A 268 21.25 22.11 -13.86
C ASN A 268 21.62 23.43 -14.54
N VAL A 269 20.75 23.92 -15.41
CA VAL A 269 21.00 25.13 -16.18
C VAL A 269 19.85 26.11 -15.94
N ASN A 270 20.16 27.38 -15.57
CA ASN A 270 19.17 28.42 -15.33
C ASN A 270 19.11 29.45 -16.46
N THR A 271 17.95 30.09 -16.64
CA THR A 271 17.83 31.21 -17.57
C THR A 271 18.37 32.47 -16.83
N GLN A 272 18.51 33.59 -17.54
CA GLN A 272 18.94 34.84 -16.93
C GLN A 272 17.81 35.36 -16.04
N ARG A 273 18.14 36.13 -15.00
CA ARG A 273 17.10 36.70 -14.13
C ARG A 273 16.45 37.91 -14.83
N VAL A 274 15.15 38.09 -14.65
CA VAL A 274 14.37 39.17 -15.25
C VAL A 274 13.39 39.73 -14.21
N PRO A 275 12.95 41.02 -14.28
CA PRO A 275 11.94 41.52 -13.31
C PRO A 275 10.62 40.77 -13.50
N CYS A 276 9.82 40.55 -12.42
CA CYS A 276 8.52 39.83 -12.51
C CYS A 276 7.78 40.01 -13.88
N SER A 277 6.93 41.06 -14.09
CA SER A 277 6.26 41.36 -15.39
C SER A 277 5.69 40.06 -16.04
N ASN A 278 5.73 39.87 -17.38
CA ASN A 278 5.34 38.59 -18.02
C ASN A 278 6.63 38.23 -18.74
N PRO A 279 7.53 37.56 -18.00
CA PRO A 279 8.89 37.39 -18.49
C PRO A 279 9.11 36.68 -19.79
N ARG A 280 9.88 37.32 -20.65
CA ARG A 280 10.31 36.75 -21.92
C ARG A 280 11.81 36.51 -21.76
N TRP A 281 12.28 35.31 -22.04
CA TRP A 281 13.70 34.98 -21.90
C TRP A 281 14.30 34.78 -23.29
N ASN A 282 13.58 34.07 -24.18
CA ASN A 282 14.03 33.73 -25.53
C ASN A 282 15.46 33.23 -25.56
N GLU A 283 15.77 32.37 -24.61
CA GLU A 283 17.10 31.89 -24.37
C GLU A 283 17.26 30.38 -24.54
N TRP A 284 18.20 29.95 -25.38
CA TRP A 284 18.50 28.53 -25.52
C TRP A 284 19.38 28.16 -24.34
N LEU A 285 19.02 27.07 -23.67
CA LEU A 285 19.74 26.52 -22.53
C LEU A 285 20.48 25.30 -23.11
N ASN A 286 21.80 25.23 -22.91
CA ASN A 286 22.60 24.14 -23.47
C ASN A 286 23.01 23.19 -22.36
N TYR A 287 22.77 21.89 -22.57
CA TYR A 287 23.06 20.87 -21.56
C TYR A 287 24.29 20.06 -21.92
N ASP A 288 25.03 19.63 -20.89
CA ASP A 288 26.25 18.84 -21.13
C ASP A 288 25.90 17.36 -21.30
N ILE A 289 25.18 17.06 -22.38
CA ILE A 289 24.72 15.70 -22.70
C ILE A 289 24.41 15.64 -24.20
N TYR A 290 24.83 14.57 -24.86
CA TYR A 290 24.56 14.41 -26.28
C TYR A 290 23.24 13.67 -26.48
N ILE A 291 22.42 14.08 -27.45
CA ILE A 291 21.12 13.45 -27.76
C ILE A 291 21.14 11.88 -27.78
N PRO A 292 22.10 11.16 -28.42
CA PRO A 292 22.05 9.68 -28.37
C PRO A 292 22.28 9.07 -26.96
N ASP A 293 22.88 9.85 -26.05
CA ASP A 293 23.13 9.39 -24.68
C ASP A 293 21.93 9.56 -23.73
N LEU A 294 20.83 10.18 -24.18
CA LEU A 294 19.62 10.35 -23.37
C LEU A 294 18.96 8.99 -23.08
N PRO A 295 18.84 8.58 -21.80
CA PRO A 295 18.15 7.32 -21.50
C PRO A 295 16.65 7.42 -21.81
N ARG A 296 16.00 6.27 -22.01
CA ARG A 296 14.59 6.22 -22.38
C ARG A 296 13.68 7.00 -21.39
N ALA A 297 14.03 6.97 -20.07
CA ALA A 297 13.24 7.62 -19.01
C ALA A 297 13.70 9.04 -18.65
N ALA A 298 14.48 9.68 -19.54
CA ALA A 298 15.01 11.01 -19.29
C ALA A 298 13.89 12.01 -19.27
N ARG A 299 13.95 12.91 -18.29
CA ARG A 299 12.96 13.94 -18.10
C ARG A 299 13.59 15.33 -18.01
N LEU A 300 12.83 16.33 -18.41
CA LEU A 300 13.21 17.72 -18.23
C LEU A 300 12.41 18.17 -17.00
N CYS A 301 13.09 18.69 -15.98
CA CYS A 301 12.42 19.18 -14.77
C CYS A 301 12.62 20.69 -14.69
N LEU A 302 11.50 21.43 -14.65
CA LEU A 302 11.44 22.89 -14.68
C LEU A 302 10.90 23.50 -13.40
N SER A 303 11.22 24.76 -13.20
CA SER A 303 10.82 25.54 -12.05
C SER A 303 10.88 27.04 -12.41
N ILE A 304 9.96 27.84 -11.87
CA ILE A 304 10.01 29.29 -11.98
C ILE A 304 10.43 29.71 -10.58
N CYS A 305 11.67 30.19 -10.43
CA CYS A 305 12.19 30.58 -9.12
C CYS A 305 12.27 32.07 -8.92
N SER A 306 12.14 32.45 -7.67
CA SER A 306 12.15 33.79 -7.14
C SER A 306 13.51 34.08 -6.50
N VAL A 307 13.99 35.33 -6.60
CA VAL A 307 15.23 35.72 -5.94
C VAL A 307 14.99 36.96 -5.10
N LYS A 308 15.35 36.92 -3.83
CA LYS A 308 15.25 38.07 -2.94
C LYS A 308 16.67 38.39 -2.44
N GLY A 309 17.00 39.66 -2.41
CA GLY A 309 18.31 40.11 -1.98
C GLY A 309 18.23 40.56 -0.53
N ARG A 310 19.17 40.08 0.31
CA ARG A 310 19.17 40.43 1.73
C ARG A 310 20.52 40.99 2.17
N LYS A 314 23.67 37.09 1.21
CA LYS A 314 22.69 36.00 1.26
C LYS A 314 21.45 36.23 0.32
N GLU A 315 21.32 35.41 -0.72
CA GLU A 315 20.22 35.49 -1.66
C GLU A 315 19.20 34.41 -1.31
N GLU A 316 17.92 34.79 -1.19
CA GLU A 316 16.85 33.84 -0.91
C GLU A 316 16.14 33.37 -2.19
N HIS A 317 16.36 32.11 -2.59
CA HIS A 317 15.74 31.51 -3.76
C HIS A 317 14.53 30.64 -3.39
N CYS A 318 13.41 30.81 -4.07
CA CYS A 318 12.20 30.04 -3.78
C CYS A 318 11.58 29.59 -5.05
N PRO A 319 11.11 28.34 -5.12
CA PRO A 319 10.36 27.92 -6.30
C PRO A 319 8.93 28.45 -6.17
N LEU A 320 8.40 28.99 -7.25
CA LEU A 320 7.04 29.51 -7.27
C LEU A 320 6.06 28.49 -7.89
N ALA A 321 6.54 27.71 -8.86
CA ALA A 321 5.76 26.72 -9.61
C ALA A 321 6.75 25.73 -10.27
N TRP A 322 6.28 24.50 -10.56
CA TRP A 322 7.15 23.49 -11.17
C TRP A 322 6.40 22.68 -12.24
N GLY A 323 7.14 21.97 -13.07
CA GLY A 323 6.57 21.11 -14.09
C GLY A 323 7.65 20.19 -14.64
N ASN A 324 7.31 18.94 -14.94
CA ASN A 324 8.27 17.99 -15.49
C ASN A 324 7.77 17.50 -16.86
N ILE A 325 8.68 17.18 -17.78
CA ILE A 325 8.32 16.75 -19.12
C ILE A 325 9.12 15.52 -19.49
N ASN A 326 8.45 14.50 -20.03
CA ASN A 326 9.15 13.32 -20.48
C ASN A 326 9.79 13.71 -21.82
N LEU A 327 11.11 13.53 -21.96
CA LEU A 327 11.77 13.86 -23.23
C LEU A 327 11.31 12.97 -24.39
N PHE A 328 10.78 11.77 -24.09
CA PHE A 328 10.21 10.89 -25.10
C PHE A 328 8.72 10.68 -24.76
N ASP A 329 7.83 10.63 -25.75
CA ASP A 329 6.41 10.38 -25.47
C ASP A 329 6.14 8.83 -25.34
N TYR A 330 4.88 8.45 -25.07
CA TYR A 330 4.53 7.04 -24.89
C TYR A 330 4.81 6.17 -26.10
N THR A 331 4.95 6.79 -27.29
CA THR A 331 5.24 6.04 -28.51
C THR A 331 6.73 6.07 -28.85
N ASP A 332 7.60 6.45 -27.91
CA ASP A 332 9.05 6.52 -28.05
C ASP A 332 9.55 7.69 -28.92
N THR A 333 8.70 8.69 -29.22
CA THR A 333 9.12 9.83 -30.04
C THR A 333 9.83 10.90 -29.19
N LEU A 334 11.01 11.37 -29.63
CA LEU A 334 11.70 12.46 -28.92
C LEU A 334 10.91 13.74 -29.16
N VAL A 335 10.66 14.51 -28.11
CA VAL A 335 9.91 15.77 -28.23
C VAL A 335 10.63 16.81 -29.09
N SER A 336 9.84 17.55 -29.88
CA SER A 336 10.37 18.59 -30.74
C SER A 336 9.40 19.73 -30.94
N GLY A 337 9.91 20.90 -31.33
CA GLY A 337 9.11 22.06 -31.66
C GLY A 337 8.63 22.84 -30.45
N LYS A 338 7.70 23.77 -30.69
CA LYS A 338 7.16 24.60 -29.62
C LYS A 338 6.21 23.78 -28.75
N MET A 339 6.16 24.13 -27.45
CA MET A 339 5.35 23.41 -26.48
C MET A 339 5.06 24.35 -25.33
N ALA A 340 3.85 24.30 -24.76
CA ALA A 340 3.52 25.13 -23.61
C ALA A 340 3.22 24.22 -22.43
N LEU A 341 3.75 24.57 -21.25
CA LEU A 341 3.57 23.75 -20.06
C LEU A 341 2.95 24.55 -18.93
N ASN A 342 1.76 24.12 -18.44
CA ASN A 342 1.13 24.77 -17.30
C ASN A 342 1.69 24.12 -16.05
N LEU A 343 2.19 24.95 -15.14
CA LEU A 343 2.90 24.51 -13.97
C LEU A 343 1.99 24.22 -12.78
N TRP A 344 2.55 23.58 -11.75
CA TRP A 344 1.85 23.16 -10.56
C TRP A 344 2.32 23.94 -9.35
N PRO A 345 1.46 24.07 -8.32
CA PRO A 345 1.91 24.72 -7.09
C PRO A 345 3.00 23.90 -6.41
N VAL A 346 3.87 24.57 -5.69
CA VAL A 346 4.93 23.90 -4.94
C VAL A 346 4.36 23.08 -3.75
N PRO A 347 4.70 21.78 -3.67
CA PRO A 347 4.21 20.98 -2.56
C PRO A 347 4.92 21.37 -1.26
N HIS A 348 4.19 21.33 -0.12
CA HIS A 348 4.78 21.68 1.19
C HIS A 348 5.94 20.72 1.53
N GLY A 349 7.05 21.27 1.96
CA GLY A 349 8.23 20.47 2.29
C GLY A 349 9.08 20.06 1.10
N LEU A 350 9.14 20.91 0.04
CA LEU A 350 9.93 20.60 -1.16
C LEU A 350 11.43 20.58 -0.84
N GLU A 351 11.94 21.62 -0.18
CA GLU A 351 13.35 21.69 0.23
C GLU A 351 14.37 21.56 -0.93
N ASP A 352 14.00 22.07 -2.08
CA ASP A 352 14.86 22.13 -3.26
C ASP A 352 14.16 23.04 -4.29
N LEU A 353 14.89 23.49 -5.31
CA LEU A 353 14.32 24.37 -6.31
C LEU A 353 13.55 23.63 -7.41
N LEU A 354 13.90 22.37 -7.66
CA LEU A 354 13.20 21.54 -8.64
C LEU A 354 12.42 20.42 -7.88
N ASN A 355 11.50 19.73 -8.56
CA ASN A 355 10.72 18.65 -8.00
C ASN A 355 10.80 17.47 -8.95
N PRO A 356 11.98 16.84 -9.09
CA PRO A 356 12.11 15.76 -10.08
C PRO A 356 11.25 14.53 -9.84
N ILE A 357 10.93 14.19 -8.58
CA ILE A 357 10.06 13.04 -8.26
C ILE A 357 8.59 13.33 -8.64
N GLY A 358 8.19 14.60 -8.70
CA GLY A 358 6.83 15.04 -9.01
C GLY A 358 6.23 14.53 -10.30
N VAL A 359 4.92 14.65 -10.43
CA VAL A 359 4.20 14.18 -11.60
C VAL A 359 4.66 14.89 -12.91
N THR A 360 4.52 14.18 -14.03
CA THR A 360 4.89 14.66 -15.34
C THR A 360 3.64 15.13 -16.09
N GLY A 361 3.79 16.13 -16.95
CA GLY A 361 2.67 16.65 -17.73
C GLY A 361 2.19 18.01 -17.29
N SER A 362 1.46 18.67 -18.20
CA SER A 362 0.90 19.99 -17.99
C SER A 362 -0.29 19.99 -17.01
N ASN A 363 -0.39 21.03 -16.18
CA ASN A 363 -1.48 21.22 -15.24
C ASN A 363 -2.78 21.37 -16.05
N PRO A 364 -3.85 20.60 -15.70
CA PRO A 364 -5.12 20.70 -16.46
C PRO A 364 -5.78 22.06 -16.34
N ASN A 365 -5.54 22.78 -15.23
CA ASN A 365 -6.07 24.11 -15.04
C ASN A 365 -5.19 25.01 -15.87
N LYS A 366 -5.68 25.44 -17.05
CA LYS A 366 -4.90 26.28 -17.96
C LYS A 366 -4.77 27.74 -17.55
N GLU A 367 -5.40 28.15 -16.45
CA GLU A 367 -5.28 29.51 -15.95
C GLU A 367 -4.30 29.57 -14.78
N THR A 368 -3.10 29.05 -15.03
CA THR A 368 -1.97 28.90 -14.10
C THR A 368 -0.67 29.32 -14.83
N PRO A 369 0.48 29.54 -14.11
CA PRO A 369 1.73 29.88 -14.82
C PRO A 369 2.03 28.94 -15.98
N CYS A 370 2.23 29.52 -17.16
CA CYS A 370 2.41 28.77 -18.38
C CYS A 370 3.74 29.08 -19.01
N LEU A 371 4.62 28.09 -19.11
CA LEU A 371 5.93 28.28 -19.68
C LEU A 371 5.94 27.82 -21.13
N GLU A 372 6.45 28.65 -22.04
CA GLU A 372 6.57 28.28 -23.46
C GLU A 372 8.01 27.90 -23.75
N LEU A 373 8.17 26.73 -24.32
CA LEU A 373 9.45 26.13 -24.61
C LEU A 373 9.55 25.77 -26.08
N GLU A 374 10.77 25.49 -26.53
CA GLU A 374 11.00 25.04 -27.88
C GLU A 374 12.13 24.04 -27.90
N PHE A 375 11.88 22.92 -28.56
CA PHE A 375 12.85 21.86 -28.71
C PHE A 375 13.31 21.83 -30.16
N ASP A 376 14.52 21.30 -30.42
CA ASP A 376 15.03 21.20 -31.78
C ASP A 376 14.21 20.20 -32.60
N TRP A 377 14.16 20.43 -33.91
CA TRP A 377 13.51 19.56 -34.88
C TRP A 377 14.63 19.08 -35.78
N PHE A 378 14.81 17.77 -35.85
CA PHE A 378 15.87 17.18 -36.65
C PHE A 378 15.38 16.72 -38.01
N SER A 379 14.51 17.56 -38.63
CA SER A 379 13.89 17.39 -39.96
C SER A 379 13.13 16.08 -40.13
N SER A 380 12.90 15.34 -39.03
CA SER A 380 12.23 14.05 -39.04
C SER A 380 11.75 13.71 -37.63
N VAL A 381 10.79 12.78 -37.52
CA VAL A 381 10.32 12.27 -36.25
C VAL A 381 11.43 11.36 -35.74
N VAL A 382 12.00 11.66 -34.58
CA VAL A 382 13.09 10.88 -34.00
C VAL A 382 12.51 9.86 -33.00
N LYS A 383 12.88 8.61 -33.14
CA LYS A 383 12.38 7.55 -32.27
C LYS A 383 13.49 6.90 -31.47
N PHE A 384 13.19 6.41 -30.25
CA PHE A 384 14.17 5.67 -29.46
C PHE A 384 14.39 4.33 -30.19
N PRO A 385 15.65 3.90 -30.34
CA PRO A 385 15.91 2.64 -31.06
C PRO A 385 15.18 1.39 -30.54
N ASP A 386 14.88 0.45 -31.46
CA ASP A 386 14.27 -0.85 -31.17
C ASP A 386 15.18 -1.67 -30.27
N MET A 387 14.63 -2.72 -29.61
CA MET A 387 15.45 -3.58 -28.77
C MET A 387 16.57 -4.26 -29.56
N SER A 388 16.29 -4.68 -30.80
CA SER A 388 17.33 -5.30 -31.64
C SER A 388 18.50 -4.34 -31.95
N VAL A 389 18.21 -3.06 -32.22
CA VAL A 389 19.26 -2.07 -32.46
C VAL A 389 20.11 -1.88 -31.19
N ILE A 390 19.45 -1.77 -30.01
CA ILE A 390 20.14 -1.61 -28.72
C ILE A 390 21.02 -2.82 -28.42
N GLU A 391 20.51 -4.02 -28.75
CA GLU A 391 21.17 -5.32 -28.57
C GLU A 391 22.43 -5.42 -29.43
N GLU A 392 22.38 -4.91 -30.67
CA GLU A 392 23.52 -4.89 -31.59
C GLU A 392 24.61 -3.95 -31.04
N HIS A 393 24.21 -2.78 -30.54
CA HIS A 393 25.14 -1.80 -29.95
C HIS A 393 25.75 -2.30 -28.65
N ALA A 394 25.01 -3.10 -27.88
CA ALA A 394 25.52 -3.66 -26.65
C ALA A 394 26.63 -4.65 -26.95
N ASN A 395 26.44 -5.50 -27.99
CA ASN A 395 27.45 -6.48 -28.41
C ASN A 395 28.69 -5.78 -28.99
N TRP A 396 28.48 -4.76 -29.82
CA TRP A 396 29.57 -3.95 -30.38
C TRP A 396 30.33 -3.19 -29.27
N SER A 397 29.65 -2.82 -28.17
CA SER A 397 30.24 -2.12 -27.04
C SER A 397 31.10 -3.07 -26.23
N VAL A 398 30.62 -4.32 -26.04
CA VAL A 398 31.37 -5.32 -25.30
C VAL A 398 32.62 -5.74 -26.09
N SER A 399 32.57 -5.69 -27.45
CA SER A 399 33.70 -6.01 -28.31
C SER A 399 34.68 -4.86 -28.32
N ARG A 400 34.19 -3.60 -28.43
CA ARG A 400 35.02 -2.40 -28.42
C ARG A 400 35.71 -2.22 -27.06
N GLU A 401 34.96 -2.42 -25.97
CA GLU A 401 35.46 -2.36 -24.59
C GLU A 401 35.92 -3.75 -24.15
N ALA A 402 37.00 -4.22 -24.77
CA ALA A 402 37.71 -5.48 -24.59
C ALA A 402 39.04 -5.31 -25.35
N GLY A 403 38.96 -4.78 -26.59
CA GLY A 403 40.11 -4.38 -27.37
C GLY A 403 40.64 -3.07 -26.79
N PHE A 404 39.74 -2.21 -26.22
CA PHE A 404 40.15 -0.97 -25.55
C PHE A 404 40.94 -1.35 -24.29
N SER A 405 40.53 -2.39 -23.54
CA SER A 405 41.26 -2.82 -22.35
C SER A 405 42.72 -3.17 -22.69
N TYR A 406 42.94 -3.97 -23.75
CA TYR A 406 44.26 -4.39 -24.18
C TYR A 406 45.12 -3.28 -24.73
N SER A 407 44.58 -2.42 -25.61
CA SER A 407 45.36 -1.37 -26.29
C SER A 407 45.21 0.08 -25.75
N HIS A 408 44.55 0.30 -24.59
CA HIS A 408 44.38 1.65 -24.04
C HIS A 408 45.47 1.95 -23.02
N ALA A 409 46.22 3.04 -23.23
CA ALA A 409 47.35 3.43 -22.40
C ALA A 409 46.98 4.04 -21.06
N GLY A 410 45.77 4.57 -20.95
CA GLY A 410 45.31 5.15 -19.71
C GLY A 410 44.76 4.12 -18.74
N LEU A 411 44.26 4.60 -17.61
CA LEU A 411 43.67 3.72 -16.61
C LEU A 411 42.14 3.91 -16.66
N SER A 412 41.39 2.80 -16.71
CA SER A 412 39.92 2.82 -16.77
C SER A 412 39.37 2.01 -15.61
N ASN A 413 38.91 2.70 -14.55
CA ASN A 413 38.38 2.05 -13.37
C ASN A 413 37.07 1.25 -13.67
N ARG A 414 36.32 1.68 -14.71
CA ARG A 414 35.09 1.02 -15.14
C ARG A 414 35.32 -0.14 -16.13
N LEU A 415 36.52 -0.22 -16.76
CA LEU A 415 36.84 -1.30 -17.71
C LEU A 415 37.96 -2.19 -17.17
N ARG A 422 38.86 -12.31 -8.46
CA ARG A 422 39.56 -12.74 -7.25
C ARG A 422 38.60 -13.09 -6.10
N GLU A 423 39.03 -13.96 -5.15
CA GLU A 423 38.20 -14.39 -4.01
C GLU A 423 37.91 -13.25 -3.03
N ASN A 424 38.83 -12.28 -2.91
CA ASN A 424 38.62 -11.11 -2.06
C ASN A 424 37.53 -10.20 -2.68
N ASP A 425 37.49 -10.13 -4.01
CA ASP A 425 36.53 -9.36 -4.77
C ASP A 425 35.14 -9.99 -4.69
N LYS A 426 35.06 -11.33 -4.72
CA LYS A 426 33.78 -12.03 -4.62
C LYS A 426 33.16 -11.84 -3.24
N GLU A 427 33.98 -11.73 -2.19
CA GLU A 427 33.50 -11.48 -0.83
C GLU A 427 33.08 -10.00 -0.66
N GLN A 428 33.72 -9.07 -1.40
CA GLN A 428 33.37 -7.65 -1.36
C GLN A 428 32.05 -7.43 -2.11
N LEU A 429 31.82 -8.17 -3.22
CA LEU A 429 30.56 -8.10 -3.96
C LEU A 429 29.41 -8.67 -3.10
N LYS A 430 29.68 -9.74 -2.35
CA LYS A 430 28.70 -10.33 -1.47
C LYS A 430 28.34 -9.38 -0.32
N ALA A 431 29.30 -8.63 0.23
CA ALA A 431 29.03 -7.70 1.33
C ALA A 431 28.20 -6.48 0.90
N ILE A 432 28.48 -5.94 -0.30
CA ILE A 432 27.75 -4.81 -0.86
C ILE A 432 26.28 -5.24 -1.09
N SER A 433 26.08 -6.47 -1.61
CA SER A 433 24.78 -7.06 -1.85
C SER A 433 23.90 -7.13 -0.61
N THR A 434 24.50 -7.25 0.59
CA THR A 434 23.75 -7.34 1.85
C THR A 434 23.42 -5.99 2.49
N ARG A 435 23.85 -4.88 1.90
CA ARG A 435 23.53 -3.56 2.45
C ARG A 435 22.07 -3.16 2.19
N ASP A 436 21.49 -2.37 3.08
CA ASP A 436 20.09 -1.96 2.93
C ASP A 436 19.90 -0.93 1.82
N PRO A 437 18.65 -0.79 1.33
CA PRO A 437 18.39 0.15 0.23
C PRO A 437 18.85 1.61 0.44
N LEU A 438 18.96 2.06 1.69
CA LEU A 438 19.38 3.44 1.97
C LEU A 438 20.87 3.63 2.27
N SER A 439 21.63 2.53 2.33
CA SER A 439 23.07 2.61 2.55
C SER A 439 23.71 3.29 1.34
N GLU A 440 24.74 4.11 1.58
CA GLU A 440 25.43 4.82 0.51
C GLU A 440 26.36 3.88 -0.24
N ILE A 441 26.39 4.02 -1.56
CA ILE A 441 27.28 3.24 -2.40
C ILE A 441 28.19 4.26 -3.09
N THR A 442 29.47 4.30 -2.67
CA THR A 442 30.50 5.26 -3.12
C THR A 442 30.80 5.20 -4.61
N GLU A 443 31.45 6.23 -5.17
CA GLU A 443 31.79 6.22 -6.59
C GLU A 443 32.81 5.12 -6.88
N GLN A 444 33.72 4.81 -5.94
CA GLN A 444 34.67 3.72 -6.13
C GLN A 444 33.93 2.34 -6.19
N GLU A 445 32.92 2.17 -5.31
CA GLU A 445 32.11 0.94 -5.30
C GLU A 445 31.26 0.82 -6.57
N LYS A 446 30.79 1.95 -7.11
CA LYS A 446 30.01 1.93 -8.35
C LYS A 446 30.87 1.47 -9.51
N ASP A 447 32.15 1.90 -9.54
CA ASP A 447 33.11 1.49 -10.57
C ASP A 447 33.44 -0.01 -10.41
N PHE A 448 33.57 -0.47 -9.16
CA PHE A 448 33.82 -1.87 -8.81
C PHE A 448 32.64 -2.76 -9.28
N LEU A 449 31.38 -2.39 -8.91
CA LEU A 449 30.19 -3.14 -9.31
C LEU A 449 30.02 -3.20 -10.84
N TRP A 450 30.23 -2.07 -11.53
CA TRP A 450 30.04 -2.03 -12.98
C TRP A 450 31.10 -2.82 -13.73
N SER A 451 32.34 -2.82 -13.22
CA SER A 451 33.41 -3.56 -13.88
C SER A 451 33.19 -5.08 -13.71
N HIS A 452 32.58 -5.51 -12.60
CA HIS A 452 32.27 -6.93 -12.40
C HIS A 452 30.79 -7.23 -12.67
N ARG A 453 30.16 -6.46 -13.58
CA ARG A 453 28.76 -6.60 -13.90
C ARG A 453 28.36 -8.00 -14.35
N HIS A 454 29.29 -8.76 -14.94
CA HIS A 454 28.98 -10.13 -15.38
C HIS A 454 29.05 -11.11 -14.20
N TYR A 455 29.92 -10.84 -13.22
CA TYR A 455 29.98 -11.67 -12.02
C TYR A 455 28.73 -11.43 -11.14
N CYS A 456 28.11 -10.24 -11.23
CA CYS A 456 26.92 -9.81 -10.49
C CYS A 456 25.69 -10.68 -10.79
N VAL A 457 25.53 -11.16 -12.04
CA VAL A 457 24.42 -12.03 -12.44
C VAL A 457 24.36 -13.35 -11.61
N THR A 458 25.40 -13.63 -10.81
CA THR A 458 25.49 -14.81 -9.95
C THR A 458 25.05 -14.53 -8.48
N ILE A 459 24.82 -13.25 -8.13
CA ILE A 459 24.29 -12.76 -6.85
C ILE A 459 23.09 -11.92 -7.33
N PRO A 460 21.97 -12.53 -7.81
CA PRO A 460 20.89 -11.73 -8.40
C PRO A 460 20.34 -10.61 -7.54
N GLU A 461 20.44 -10.76 -6.21
CA GLU A 461 20.02 -9.78 -5.20
C GLU A 461 20.83 -8.49 -5.26
N ILE A 462 21.94 -8.45 -6.00
CA ILE A 462 22.75 -7.24 -6.10
C ILE A 462 22.21 -6.28 -7.18
N LEU A 463 21.30 -6.71 -8.07
CA LEU A 463 20.73 -5.91 -9.13
C LEU A 463 20.40 -4.46 -8.73
N PRO A 464 19.67 -4.15 -7.62
CA PRO A 464 19.46 -2.74 -7.25
C PRO A 464 20.73 -1.90 -7.08
N LYS A 465 21.80 -2.50 -6.49
CA LYS A 465 23.08 -1.80 -6.30
C LYS A 465 23.76 -1.61 -7.67
N LEU A 466 23.76 -2.64 -8.51
CA LEU A 466 24.34 -2.56 -9.84
C LEU A 466 23.62 -1.54 -10.74
N LEU A 467 22.27 -1.47 -10.68
CA LEU A 467 21.51 -0.52 -11.50
C LEU A 467 21.86 0.92 -11.13
N LEU A 468 22.19 1.18 -9.86
CA LEU A 468 22.60 2.51 -9.40
C LEU A 468 24.03 2.87 -9.81
N SER A 469 24.83 1.89 -10.20
CA SER A 469 26.21 2.03 -10.62
C SER A 469 26.34 2.35 -12.13
N VAL A 470 25.30 2.07 -12.93
CA VAL A 470 25.27 2.37 -14.35
C VAL A 470 25.34 3.89 -14.56
N LYS A 471 26.04 4.31 -15.62
CA LYS A 471 26.06 5.71 -16.00
C LYS A 471 24.89 5.82 -16.94
N TRP A 472 23.75 6.32 -16.44
CA TRP A 472 22.52 6.42 -17.24
C TRP A 472 22.64 7.47 -18.37
N ASN A 473 23.62 8.37 -18.29
CA ASN A 473 23.89 9.32 -19.36
C ASN A 473 24.88 8.74 -20.40
N SER A 474 25.14 7.42 -20.40
CA SER A 474 26.04 6.79 -21.36
C SER A 474 25.27 5.67 -22.03
N ARG A 475 24.95 5.80 -23.33
CA ARG A 475 24.19 4.76 -24.04
C ARG A 475 24.94 3.43 -24.21
N ASP A 476 26.27 3.45 -24.09
CA ASP A 476 27.10 2.26 -24.22
C ASP A 476 26.95 1.40 -22.98
N GLU A 477 26.87 2.03 -21.79
CA GLU A 477 26.67 1.31 -20.53
C GLU A 477 25.20 0.87 -20.41
N VAL A 478 24.27 1.76 -20.75
CA VAL A 478 22.85 1.45 -20.67
C VAL A 478 22.47 0.30 -21.60
N ALA A 479 22.95 0.28 -22.87
CA ALA A 479 22.64 -0.82 -23.80
C ALA A 479 23.11 -2.17 -23.23
N GLN A 480 24.28 -2.15 -22.54
CA GLN A 480 24.81 -3.34 -21.92
C GLN A 480 23.98 -3.76 -20.71
N MET A 481 23.49 -2.78 -19.93
CA MET A 481 22.64 -3.07 -18.77
C MET A 481 21.33 -3.72 -19.21
N TYR A 482 20.79 -3.31 -20.36
CA TYR A 482 19.55 -3.86 -20.89
C TYR A 482 19.72 -5.35 -21.19
N CYS A 483 20.87 -5.75 -21.69
CA CYS A 483 21.12 -7.15 -22.00
C CYS A 483 21.28 -7.99 -20.75
N LEU A 484 21.92 -7.44 -19.71
CA LEU A 484 22.04 -8.13 -18.43
C LEU A 484 20.66 -8.29 -17.78
N VAL A 485 19.81 -7.24 -17.87
CA VAL A 485 18.47 -7.25 -17.30
C VAL A 485 17.60 -8.28 -18.02
N LYS A 486 17.63 -8.29 -19.36
CA LYS A 486 16.88 -9.20 -20.24
C LYS A 486 17.02 -10.68 -19.81
N ASP A 487 18.22 -11.11 -19.35
CA ASP A 487 18.43 -12.50 -18.92
C ASP A 487 18.82 -12.64 -17.41
N TRP A 488 18.57 -11.61 -16.60
CA TRP A 488 18.87 -11.64 -15.16
C TRP A 488 17.99 -12.70 -14.50
N PRO A 489 18.52 -13.46 -13.53
CA PRO A 489 17.67 -14.43 -12.84
C PRO A 489 16.58 -13.72 -12.06
N PRO A 490 15.37 -14.29 -12.04
CA PRO A 490 14.28 -13.66 -11.28
C PRO A 490 14.60 -13.55 -9.79
N ILE A 491 14.05 -12.53 -9.12
CA ILE A 491 14.26 -12.31 -7.70
C ILE A 491 12.93 -12.32 -6.93
N LYS A 492 12.97 -12.52 -5.62
CA LYS A 492 11.78 -12.59 -4.77
C LYS A 492 10.96 -11.27 -4.82
N PRO A 493 9.61 -11.35 -4.74
CA PRO A 493 8.79 -10.13 -4.83
C PRO A 493 9.15 -8.98 -3.87
N GLU A 494 9.49 -9.29 -2.60
CA GLU A 494 9.87 -8.22 -1.68
C GLU A 494 11.13 -7.48 -2.13
N GLN A 495 11.97 -8.13 -2.97
CA GLN A 495 13.16 -7.51 -3.50
C GLN A 495 12.88 -6.81 -4.83
N ALA A 496 11.96 -7.35 -5.64
CA ALA A 496 11.58 -6.75 -6.91
C ALA A 496 10.79 -5.43 -6.70
N MET A 497 10.07 -5.29 -5.55
CA MET A 497 9.31 -4.09 -5.24
C MET A 497 10.23 -2.87 -5.06
N GLU A 498 11.49 -3.09 -4.61
CA GLU A 498 12.49 -2.03 -4.49
C GLU A 498 12.73 -1.35 -5.84
N LEU A 499 12.71 -2.14 -6.93
CA LEU A 499 12.89 -1.67 -8.30
C LEU A 499 11.70 -0.91 -8.89
N LEU A 500 10.62 -0.75 -8.12
CA LEU A 500 9.45 -0.01 -8.55
C LEU A 500 9.30 1.34 -7.86
N ASP A 501 10.23 1.71 -6.93
CA ASP A 501 10.15 3.04 -6.30
C ASP A 501 10.72 4.15 -7.26
N CYS A 502 10.87 5.38 -6.75
CA CYS A 502 11.30 6.54 -7.55
C CYS A 502 12.74 6.47 -8.06
N ASN A 503 13.60 5.65 -7.43
CA ASN A 503 15.00 5.51 -7.85
C ASN A 503 15.16 4.77 -9.15
N TYR A 504 14.15 3.99 -9.60
CA TYR A 504 14.32 3.17 -10.79
C TYR A 504 13.27 3.45 -11.85
N PRO A 505 13.47 4.50 -12.67
CA PRO A 505 12.45 4.84 -13.70
C PRO A 505 12.52 4.09 -15.02
N ASP A 506 13.63 3.37 -15.25
CA ASP A 506 13.82 2.68 -16.52
C ASP A 506 12.73 1.65 -16.82
N PRO A 507 12.13 1.70 -18.00
CA PRO A 507 11.08 0.72 -18.33
C PRO A 507 11.55 -0.75 -18.36
N MET A 508 12.83 -1.03 -18.68
CA MET A 508 13.29 -2.41 -18.74
C MET A 508 13.47 -2.93 -17.30
N VAL A 509 13.99 -2.07 -16.39
CA VAL A 509 14.17 -2.37 -14.97
C VAL A 509 12.80 -2.60 -14.35
N ARG A 510 11.84 -1.72 -14.65
CA ARG A 510 10.49 -1.82 -14.11
C ARG A 510 9.75 -3.02 -14.67
N GLY A 511 9.99 -3.33 -15.94
CA GLY A 511 9.41 -4.49 -16.59
C GLY A 511 9.89 -5.79 -15.95
N PHE A 512 11.18 -5.85 -15.60
CA PHE A 512 11.77 -7.01 -14.92
C PHE A 512 11.11 -7.20 -13.57
N ALA A 513 10.91 -6.09 -12.82
CA ALA A 513 10.31 -6.12 -11.50
C ALA A 513 8.86 -6.64 -11.57
N VAL A 514 8.09 -6.22 -12.58
CA VAL A 514 6.71 -6.68 -12.76
C VAL A 514 6.68 -8.17 -13.14
N ARG A 515 7.59 -8.62 -14.03
CA ARG A 515 7.65 -10.03 -14.40
C ARG A 515 7.99 -10.93 -13.18
N CYS A 516 8.81 -10.43 -12.23
CA CYS A 516 9.08 -11.15 -10.97
C CYS A 516 7.81 -11.24 -10.14
N LEU A 517 6.99 -10.18 -10.14
CA LEU A 517 5.73 -10.18 -9.41
C LEU A 517 4.74 -11.16 -10.06
N GLU A 518 4.58 -11.14 -11.39
CA GLU A 518 3.65 -12.06 -12.08
C GLU A 518 3.96 -13.51 -11.81
N LYS A 519 5.24 -13.83 -11.74
CA LYS A 519 5.69 -15.18 -11.49
C LYS A 519 5.58 -15.59 -10.01
N TYR A 520 6.02 -14.72 -9.06
CA TYR A 520 6.10 -15.12 -7.66
C TYR A 520 5.15 -14.52 -6.63
N LEU A 521 4.43 -13.45 -6.96
CA LEU A 521 3.55 -12.80 -5.97
C LEU A 521 2.20 -13.51 -5.86
N THR A 522 1.92 -14.07 -4.67
CA THR A 522 0.63 -14.69 -4.39
C THR A 522 -0.42 -13.59 -4.23
N ASP A 523 -1.69 -13.93 -4.35
CA ASP A 523 -2.77 -12.97 -4.16
C ASP A 523 -2.81 -12.49 -2.70
N ASP A 524 -2.41 -13.34 -1.74
CA ASP A 524 -2.33 -12.99 -0.34
C ASP A 524 -1.31 -11.86 -0.16
N LYS A 525 -0.07 -12.04 -0.66
CA LYS A 525 0.96 -11.01 -0.57
C LYS A 525 0.63 -9.77 -1.41
N LEU A 526 -0.04 -9.93 -2.55
CA LEU A 526 -0.48 -8.78 -3.35
C LEU A 526 -1.46 -7.91 -2.56
N SER A 527 -2.39 -8.56 -1.82
CA SER A 527 -3.32 -7.85 -0.97
C SER A 527 -2.59 -7.12 0.16
N GLN A 528 -1.57 -7.76 0.71
CA GLN A 528 -0.82 -7.21 1.81
C GLN A 528 -0.02 -5.98 1.41
N TYR A 529 0.51 -5.93 0.17
CA TYR A 529 1.31 -4.79 -0.32
C TYR A 529 0.57 -3.89 -1.29
N LEU A 530 -0.77 -3.99 -1.38
CA LEU A 530 -1.55 -3.23 -2.35
C LEU A 530 -1.37 -1.73 -2.29
N ILE A 531 -1.36 -1.12 -1.05
CA ILE A 531 -1.24 0.32 -0.94
C ILE A 531 0.05 0.85 -1.63
N GLN A 532 1.20 0.11 -1.51
CA GLN A 532 2.46 0.49 -2.14
C GLN A 532 2.42 0.34 -3.65
N LEU A 533 1.85 -0.75 -4.17
CA LEU A 533 1.79 -0.97 -5.60
C LEU A 533 0.89 0.04 -6.32
N VAL A 534 -0.16 0.51 -5.65
CA VAL A 534 -1.02 1.56 -6.22
C VAL A 534 -0.28 2.92 -6.19
N GLN A 535 0.53 3.17 -5.13
CA GLN A 535 1.30 4.39 -5.03
C GLN A 535 2.41 4.47 -6.05
N VAL A 536 3.14 3.38 -6.30
CA VAL A 536 4.22 3.41 -7.29
C VAL A 536 3.69 3.57 -8.72
N LEU A 537 2.34 3.47 -8.95
CA LEU A 537 1.79 3.78 -10.27
C LEU A 537 2.06 5.24 -10.63
N LYS A 538 2.18 6.13 -9.61
CA LYS A 538 2.45 7.55 -9.80
C LYS A 538 3.85 7.81 -10.36
N TYR A 539 4.79 6.87 -10.19
CA TYR A 539 6.15 6.96 -10.71
C TYR A 539 6.29 6.54 -12.17
N GLU A 540 5.25 5.95 -12.75
CA GLU A 540 5.29 5.50 -14.13
C GLU A 540 5.24 6.71 -15.04
N GLN A 541 6.05 6.71 -16.12
CA GLN A 541 6.07 7.84 -17.05
C GLN A 541 4.77 7.94 -17.84
N TYR A 542 4.21 6.80 -18.19
CA TYR A 542 3.06 6.74 -19.07
C TYR A 542 1.86 6.04 -18.47
N LEU A 543 0.66 6.27 -19.05
CA LEU A 543 -0.57 5.63 -18.61
C LEU A 543 -0.52 4.15 -18.84
N ASP A 544 -0.05 3.73 -20.03
CA ASP A 544 -0.01 2.33 -20.39
C ASP A 544 1.35 1.78 -20.05
N ASN A 545 1.40 0.86 -19.10
CA ASN A 545 2.65 0.27 -18.62
C ASN A 545 2.43 -1.17 -18.11
N LEU A 546 3.50 -1.89 -17.83
CA LEU A 546 3.42 -3.27 -17.42
C LEU A 546 2.82 -3.44 -16.03
N LEU A 547 3.14 -2.49 -15.10
CA LEU A 547 2.63 -2.55 -13.73
C LEU A 547 1.13 -2.36 -13.67
N VAL A 548 0.60 -1.37 -14.39
CA VAL A 548 -0.84 -1.11 -14.41
C VAL A 548 -1.61 -2.31 -14.99
N ARG A 549 -1.04 -2.99 -15.99
CA ARG A 549 -1.68 -4.15 -16.58
C ARG A 549 -1.68 -5.33 -15.61
N PHE A 550 -0.63 -5.47 -14.81
CA PHE A 550 -0.52 -6.53 -13.83
C PHE A 550 -1.55 -6.30 -12.74
N LEU A 551 -1.61 -5.06 -12.19
CA LEU A 551 -2.52 -4.76 -11.09
C LEU A 551 -3.95 -4.85 -11.51
N LEU A 552 -4.29 -4.33 -12.67
CA LEU A 552 -5.66 -4.38 -13.17
C LEU A 552 -6.10 -5.81 -13.39
N LYS A 553 -5.27 -6.65 -14.01
CA LYS A 553 -5.59 -8.06 -14.26
C LYS A 553 -5.87 -8.79 -12.95
N LYS A 554 -5.05 -8.53 -11.93
CA LYS A 554 -5.21 -9.11 -10.61
C LYS A 554 -6.49 -8.66 -9.91
N ALA A 555 -6.83 -7.36 -10.04
CA ALA A 555 -8.04 -6.76 -9.50
C ALA A 555 -9.28 -7.33 -10.17
N LEU A 556 -9.19 -7.63 -11.48
CA LEU A 556 -10.28 -8.15 -12.30
C LEU A 556 -10.41 -9.68 -12.25
N THR A 557 -9.54 -10.38 -11.50
CA THR A 557 -9.65 -11.84 -11.34
C THR A 557 -9.82 -12.26 -9.85
N ASN A 558 -9.77 -11.30 -8.93
CA ASN A 558 -9.94 -11.53 -7.50
C ASN A 558 -10.66 -10.31 -6.98
N GLN A 559 -11.95 -10.44 -6.65
CA GLN A 559 -12.79 -9.33 -6.20
C GLN A 559 -12.40 -8.74 -4.87
N ARG A 560 -11.69 -9.48 -4.00
CA ARG A 560 -11.20 -8.93 -2.73
C ARG A 560 -10.10 -7.89 -3.08
N ILE A 561 -9.19 -8.25 -4.00
CA ILE A 561 -8.17 -7.32 -4.47
C ILE A 561 -8.85 -6.16 -5.23
N GLY A 562 -9.82 -6.46 -6.07
CA GLY A 562 -10.53 -5.44 -6.83
C GLY A 562 -11.21 -4.41 -5.96
N HIS A 563 -11.78 -4.83 -4.82
CA HIS A 563 -12.43 -3.95 -3.87
C HIS A 563 -11.45 -2.89 -3.34
N PHE A 564 -10.30 -3.34 -2.83
CA PHE A 564 -9.31 -2.43 -2.26
C PHE A 564 -8.58 -1.63 -3.33
N PHE A 565 -8.40 -2.22 -4.51
CA PHE A 565 -7.81 -1.54 -5.66
C PHE A 565 -8.73 -0.35 -6.04
N PHE A 566 -10.06 -0.57 -6.05
CA PHE A 566 -11.05 0.47 -6.32
C PHE A 566 -10.91 1.60 -5.29
N TRP A 567 -10.89 1.27 -4.00
CA TRP A 567 -10.86 2.28 -2.95
C TRP A 567 -9.53 3.02 -2.83
N HIS A 568 -8.37 2.37 -3.06
CA HIS A 568 -7.09 3.05 -3.03
C HIS A 568 -7.01 4.11 -4.17
N LEU A 569 -7.60 3.82 -5.34
CA LEU A 569 -7.64 4.75 -6.46
C LEU A 569 -8.68 5.84 -6.23
N LYS A 570 -9.92 5.46 -5.85
CA LYS A 570 -11.03 6.39 -5.64
C LYS A 570 -10.70 7.43 -4.61
N SER A 571 -10.04 7.03 -3.52
CA SER A 571 -9.65 7.92 -2.40
C SER A 571 -8.68 9.05 -2.80
N GLU A 572 -8.06 8.95 -3.99
CA GLU A 572 -7.11 9.97 -4.45
C GLU A 572 -7.64 10.79 -5.63
N MET A 573 -8.88 10.59 -6.04
CA MET A 573 -9.47 11.29 -7.16
C MET A 573 -9.57 12.83 -6.96
N HIS A 574 -9.46 13.30 -5.70
CA HIS A 574 -9.45 14.72 -5.39
C HIS A 574 -8.12 15.40 -5.79
N ASN A 575 -7.04 14.60 -5.85
CA ASN A 575 -5.69 15.03 -6.18
C ASN A 575 -5.52 15.14 -7.70
N LYS A 576 -5.45 16.39 -8.20
CA LYS A 576 -5.36 16.70 -9.63
C LYS A 576 -4.08 16.23 -10.32
N THR A 577 -3.02 16.00 -9.53
CA THR A 577 -1.80 15.45 -10.11
C THR A 577 -2.00 13.98 -10.51
N VAL A 578 -3.02 13.25 -9.98
CA VAL A 578 -3.27 11.83 -10.32
C VAL A 578 -4.67 11.54 -10.85
N SER A 579 -5.61 12.50 -10.72
CA SER A 579 -7.00 12.40 -11.18
C SER A 579 -7.18 11.70 -12.53
N GLN A 580 -6.43 12.10 -13.57
CA GLN A 580 -6.60 11.53 -14.89
C GLN A 580 -6.10 10.10 -14.99
N ARG A 581 -4.92 9.80 -14.43
CA ARG A 581 -4.38 8.45 -14.44
C ARG A 581 -5.31 7.50 -13.66
N PHE A 582 -5.71 7.88 -12.45
CA PHE A 582 -6.55 7.05 -11.62
C PHE A 582 -7.98 6.98 -12.10
N GLY A 583 -8.48 8.05 -12.72
CA GLY A 583 -9.84 8.03 -13.27
C GLY A 583 -9.97 7.14 -14.49
N LEU A 584 -8.94 7.15 -15.35
CA LEU A 584 -8.91 6.30 -16.53
C LEU A 584 -8.74 4.82 -16.13
N LEU A 585 -7.91 4.57 -15.11
CA LEU A 585 -7.71 3.22 -14.58
C LEU A 585 -9.00 2.74 -13.93
N LEU A 586 -9.71 3.62 -13.21
CA LEU A 586 -11.00 3.28 -12.62
C LEU A 586 -12.07 2.96 -13.66
N GLU A 587 -12.13 3.70 -14.79
CA GLU A 587 -13.11 3.43 -15.84
C GLU A 587 -12.93 2.02 -16.41
N SER A 588 -11.66 1.63 -16.67
CA SER A 588 -11.35 0.30 -17.18
C SER A 588 -11.69 -0.79 -16.17
N TYR A 589 -11.48 -0.52 -14.87
CA TYR A 589 -11.83 -1.49 -13.82
C TYR A 589 -13.35 -1.65 -13.75
N CYS A 590 -14.10 -0.52 -13.71
CA CYS A 590 -15.56 -0.56 -13.59
C CYS A 590 -16.26 -1.16 -14.77
N ARG A 591 -15.66 -1.03 -15.93
CA ARG A 591 -16.21 -1.56 -17.14
C ARG A 591 -16.16 -3.08 -17.16
N ALA A 592 -15.24 -3.71 -16.43
CA ALA A 592 -15.10 -5.15 -16.48
C ALA A 592 -15.27 -5.89 -15.19
N CYS A 593 -15.50 -5.19 -14.06
CA CYS A 593 -15.63 -5.88 -12.76
C CYS A 593 -16.91 -6.69 -12.59
N GLY A 594 -17.91 -6.46 -13.42
CA GLY A 594 -19.15 -7.21 -13.34
C GLY A 594 -20.14 -6.57 -12.40
N MET A 595 -20.96 -7.40 -11.75
CA MET A 595 -21.99 -6.93 -10.84
C MET A 595 -21.48 -6.21 -9.61
N TYR A 596 -20.19 -6.35 -9.29
CA TYR A 596 -19.64 -5.69 -8.14
C TYR A 596 -19.72 -4.17 -8.24
N LEU A 597 -19.83 -3.60 -9.46
CA LEU A 597 -19.97 -2.16 -9.62
C LEU A 597 -21.25 -1.68 -8.92
N LYS A 598 -22.34 -2.47 -9.01
CA LYS A 598 -23.60 -2.16 -8.33
C LYS A 598 -23.39 -2.06 -6.78
N HIS A 599 -22.59 -2.97 -6.20
CA HIS A 599 -22.23 -2.93 -4.78
C HIS A 599 -21.29 -1.74 -4.45
N LEU A 600 -20.32 -1.44 -5.32
CA LEU A 600 -19.39 -0.34 -5.12
C LEU A 600 -20.14 0.99 -5.15
N ASN A 601 -21.14 1.13 -6.04
CA ASN A 601 -21.94 2.34 -6.10
C ASN A 601 -22.71 2.56 -4.81
N ARG A 602 -23.18 1.46 -4.17
CA ARG A 602 -23.88 1.57 -2.89
C ARG A 602 -22.91 2.03 -1.79
N GLN A 603 -21.64 1.58 -1.84
CA GLN A 603 -20.65 1.98 -0.86
C GLN A 603 -20.35 3.46 -1.06
N VAL A 604 -20.18 3.91 -2.32
CA VAL A 604 -19.89 5.31 -2.68
C VAL A 604 -21.05 6.21 -2.22
N GLU A 605 -22.28 5.75 -2.41
CA GLU A 605 -23.48 6.52 -2.01
C GLU A 605 -23.55 6.69 -0.48
N ALA A 606 -23.21 5.64 0.29
CA ALA A 606 -23.23 5.72 1.73
C ALA A 606 -22.20 6.71 2.23
N MET A 607 -20.98 6.66 1.68
CA MET A 607 -19.87 7.52 2.06
C MET A 607 -20.17 8.95 1.67
N GLU A 608 -20.82 9.21 0.52
CA GLU A 608 -21.16 10.60 0.16
C GLU A 608 -22.17 11.16 1.15
N LYS A 609 -23.20 10.35 1.55
CA LYS A 609 -24.18 10.79 2.54
C LYS A 609 -23.54 11.05 3.89
N LEU A 610 -22.57 10.23 4.30
CA LEU A 610 -21.90 10.44 5.58
C LEU A 610 -21.03 11.68 5.56
N ILE A 611 -20.40 11.99 4.42
CA ILE A 611 -19.58 13.18 4.28
C ILE A 611 -20.51 14.39 4.36
N ASN A 612 -21.63 14.35 3.63
CA ASN A 612 -22.62 15.44 3.68
C ASN A 612 -23.14 15.69 5.10
N LEU A 613 -23.51 14.62 5.81
CA LEU A 613 -24.02 14.65 7.17
C LEU A 613 -23.01 15.25 8.13
N THR A 614 -21.77 14.71 8.18
CA THR A 614 -20.71 15.19 9.05
C THR A 614 -20.25 16.60 8.69
N ASP A 615 -20.46 17.04 7.41
CA ASP A 615 -20.10 18.39 6.98
C ASP A 615 -21.07 19.35 7.63
N ILE A 616 -22.40 19.05 7.60
CA ILE A 616 -23.42 19.89 8.25
C ILE A 616 -23.13 19.97 9.75
N LEU A 617 -22.80 18.83 10.39
CA LEU A 617 -22.52 18.81 11.82
C LEU A 617 -21.26 19.59 12.22
N LYS A 618 -20.18 19.53 11.44
CA LYS A 618 -18.95 20.23 11.77
C LYS A 618 -19.04 21.74 11.45
N GLN A 619 -19.84 22.11 10.44
CA GLN A 619 -19.98 23.48 10.04
C GLN A 619 -21.23 24.16 10.65
N GLU A 620 -22.41 23.93 10.07
CA GLU A 620 -23.66 24.58 10.47
C GLU A 620 -24.14 24.31 11.90
N LYS A 621 -24.12 23.06 12.35
CA LYS A 621 -24.64 22.73 13.67
C LYS A 621 -23.53 22.38 14.63
N LYS A 622 -22.37 23.04 14.52
CA LYS A 622 -21.19 22.72 15.35
C LYS A 622 -21.40 22.85 16.86
N ASP A 623 -22.00 23.95 17.33
CA ASP A 623 -22.15 24.15 18.77
C ASP A 623 -23.52 23.71 19.34
N GLU A 624 -24.38 23.07 18.53
CA GLU A 624 -25.64 22.52 19.02
C GLU A 624 -25.40 21.26 19.87
N THR A 625 -26.28 20.96 20.84
CA THR A 625 -26.14 19.79 21.73
C THR A 625 -26.12 18.45 20.95
N GLN A 626 -25.49 17.40 21.52
CA GLN A 626 -25.47 16.08 20.85
C GLN A 626 -26.91 15.55 20.67
N LYS A 627 -27.85 15.90 21.59
CA LYS A 627 -29.24 15.49 21.50
C LYS A 627 -29.88 16.18 20.30
N VAL A 628 -29.66 17.48 20.12
CA VAL A 628 -30.25 18.21 19.00
C VAL A 628 -29.66 17.76 17.66
N GLN A 629 -28.35 17.37 17.66
CA GLN A 629 -27.62 16.86 16.48
C GLN A 629 -28.13 15.45 16.12
N MET A 630 -28.44 14.62 17.14
CA MET A 630 -28.99 13.30 16.89
C MET A 630 -30.42 13.40 16.37
N LYS A 631 -31.19 14.42 16.82
CA LYS A 631 -32.55 14.66 16.32
C LYS A 631 -32.49 15.00 14.81
N PHE A 632 -31.43 15.69 14.35
CA PHE A 632 -31.23 16.02 12.95
C PHE A 632 -30.92 14.74 12.17
N LEU A 633 -30.10 13.86 12.75
CA LEU A 633 -29.76 12.56 12.16
C LEU A 633 -30.99 11.66 12.02
N VAL A 634 -31.85 11.60 13.03
CA VAL A 634 -33.07 10.82 12.99
C VAL A 634 -34.09 11.40 11.96
N GLU A 635 -34.07 12.73 11.78
CA GLU A 635 -34.91 13.40 10.80
C GLU A 635 -34.39 13.11 9.37
N GLN A 636 -33.07 13.08 9.19
CA GLN A 636 -32.46 12.77 7.91
C GLN A 636 -32.64 11.28 7.56
N MET A 637 -32.72 10.41 8.57
CA MET A 637 -32.96 8.99 8.42
C MET A 637 -34.40 8.63 8.08
N ARG A 638 -35.33 9.55 8.23
CA ARG A 638 -36.72 9.33 7.83
C ARG A 638 -36.89 9.62 6.32
N ARG A 639 -35.89 10.25 5.66
CA ARG A 639 -35.88 10.56 4.24
C ARG A 639 -35.44 9.33 3.46
N PRO A 640 -36.20 8.95 2.42
CA PRO A 640 -35.89 7.73 1.67
C PRO A 640 -34.49 7.67 1.08
N ASP A 641 -33.98 8.78 0.53
CA ASP A 641 -32.63 8.80 -0.04
C ASP A 641 -31.58 8.40 1.00
N PHE A 642 -31.75 8.83 2.27
CA PHE A 642 -30.80 8.50 3.34
C PHE A 642 -30.99 7.11 3.87
N MET A 643 -32.27 6.68 4.03
CA MET A 643 -32.63 5.33 4.50
C MET A 643 -31.99 4.27 3.62
N ASP A 644 -32.01 4.50 2.30
CA ASP A 644 -31.44 3.55 1.34
C ASP A 644 -29.93 3.60 1.40
N ALA A 645 -29.35 4.82 1.32
CA ALA A 645 -27.93 5.10 1.35
C ALA A 645 -27.17 4.58 2.56
N LEU A 646 -27.69 4.76 3.79
CA LEU A 646 -26.94 4.32 4.97
C LEU A 646 -27.28 2.92 5.46
N GLN A 647 -28.02 2.12 4.67
CA GLN A 647 -28.36 0.73 5.04
C GLN A 647 -28.27 -0.20 3.82
N GLY A 648 -27.92 -1.46 4.04
CA GLY A 648 -27.92 -2.48 3.01
C GLY A 648 -26.81 -2.37 1.99
N PHE A 649 -25.60 -2.33 2.49
CA PHE A 649 -24.42 -2.26 1.65
C PHE A 649 -23.27 -3.06 2.31
N LEU A 650 -22.19 -3.36 1.58
CA LEU A 650 -21.07 -4.09 2.15
C LEU A 650 -20.11 -3.11 2.80
N SER A 651 -19.46 -3.53 3.88
CA SER A 651 -18.49 -2.70 4.56
C SER A 651 -17.26 -2.45 3.69
N PRO A 652 -16.89 -1.16 3.46
CA PRO A 652 -15.67 -0.88 2.70
C PRO A 652 -14.40 -1.36 3.41
N LEU A 653 -14.45 -1.54 4.73
CA LEU A 653 -13.33 -2.08 5.51
C LEU A 653 -13.12 -3.58 5.20
N ASN A 654 -14.19 -4.31 4.89
CA ASN A 654 -14.12 -5.73 4.57
C ASN A 654 -15.41 -6.10 3.87
N PRO A 655 -15.37 -6.22 2.52
CA PRO A 655 -16.62 -6.53 1.77
C PRO A 655 -17.32 -7.85 2.14
N ALA A 656 -16.68 -8.76 2.91
CA ALA A 656 -17.34 -9.99 3.39
C ALA A 656 -18.40 -9.66 4.48
N HIS A 657 -18.35 -8.44 5.07
CA HIS A 657 -19.27 -7.99 6.09
C HIS A 657 -20.43 -7.21 5.51
N GLN A 658 -21.64 -7.76 5.64
CA GLN A 658 -22.83 -7.07 5.20
C GLN A 658 -23.29 -6.10 6.28
N LEU A 659 -23.72 -4.91 5.87
CA LEU A 659 -24.21 -3.91 6.81
C LEU A 659 -25.70 -3.78 6.55
N GLY A 660 -26.51 -4.32 7.44
CA GLY A 660 -27.96 -4.25 7.29
C GLY A 660 -28.59 -2.95 7.75
N ASN A 661 -29.53 -3.05 8.72
CA ASN A 661 -30.22 -1.87 9.26
C ASN A 661 -29.32 -1.05 10.13
N LEU A 662 -29.44 0.28 10.07
CA LEU A 662 -28.66 1.22 10.89
C LEU A 662 -29.35 1.25 12.21
N ARG A 663 -28.64 0.96 13.28
CA ARG A 663 -29.21 0.98 14.61
C ARG A 663 -28.89 2.32 15.28
N LEU A 664 -29.66 3.38 14.94
CA LEU A 664 -29.54 4.75 15.47
C LEU A 664 -29.50 4.85 16.99
N GLU A 665 -30.21 3.95 17.68
CA GLU A 665 -30.19 3.93 19.14
C GLU A 665 -28.78 3.57 19.69
N GLU A 666 -27.97 2.87 18.89
CA GLU A 666 -26.61 2.51 19.28
C GLU A 666 -25.52 3.41 18.63
N CYS A 667 -25.93 4.38 17.80
CA CYS A 667 -25.03 5.33 17.15
C CYS A 667 -24.82 6.52 18.07
N ARG A 668 -23.71 7.23 17.88
CA ARG A 668 -23.48 8.48 18.59
C ARG A 668 -22.56 9.38 17.84
N ILE A 669 -22.73 10.69 18.05
CA ILE A 669 -21.81 11.70 17.53
C ILE A 669 -20.78 11.81 18.63
N MET A 670 -19.54 11.42 18.36
CA MET A 670 -18.51 11.39 19.38
C MET A 670 -17.99 12.76 19.75
N SER A 671 -17.56 12.91 21.00
CA SER A 671 -17.01 14.20 21.45
C SER A 671 -15.48 14.33 21.27
N SER A 672 -14.88 13.35 20.58
CA SER A 672 -13.47 13.29 20.23
C SER A 672 -13.14 14.32 19.12
N ALA A 673 -11.83 14.53 18.87
CA ALA A 673 -11.37 15.49 17.88
C ALA A 673 -11.96 15.22 16.49
N LYS A 674 -12.47 16.29 15.83
CA LYS A 674 -13.13 16.33 14.50
C LYS A 674 -14.57 15.76 14.52
N ARG A 675 -15.09 15.41 15.72
CA ARG A 675 -16.42 14.87 15.99
C ARG A 675 -16.79 13.69 15.06
N PRO A 676 -16.08 12.57 15.23
CA PRO A 676 -16.41 11.39 14.41
C PRO A 676 -17.78 10.77 14.71
N LEU A 677 -18.24 9.88 13.83
CA LEU A 677 -19.53 9.22 13.97
C LEU A 677 -19.31 7.78 14.40
N TRP A 678 -19.86 7.35 15.56
CA TRP A 678 -19.77 5.94 15.95
C TRP A 678 -21.01 5.30 15.38
N LEU A 679 -20.86 4.42 14.40
CA LEU A 679 -21.99 3.83 13.70
C LEU A 679 -22.15 2.35 13.99
N ASN A 680 -23.39 1.88 14.02
CA ASN A 680 -23.71 0.51 14.37
C ASN A 680 -24.76 0.01 13.41
N TRP A 681 -24.47 -1.11 12.74
CA TRP A 681 -25.42 -1.73 11.83
C TRP A 681 -25.65 -3.17 12.28
N GLU A 682 -26.83 -3.71 11.97
CA GLU A 682 -27.10 -5.11 12.23
C GLU A 682 -26.32 -5.94 11.20
N ASN A 683 -25.78 -7.11 11.61
CA ASN A 683 -25.14 -8.03 10.70
C ASN A 683 -26.31 -8.90 10.32
N PRO A 684 -26.76 -8.82 9.05
CA PRO A 684 -27.95 -9.59 8.66
C PRO A 684 -27.70 -11.07 8.35
N ASP A 685 -26.50 -11.57 8.64
CA ASP A 685 -26.17 -12.96 8.35
C ASP A 685 -27.06 -13.90 9.17
N ILE A 686 -27.52 -15.01 8.55
CA ILE A 686 -28.33 -16.06 9.19
C ILE A 686 -27.66 -16.59 10.49
N MET A 687 -26.33 -16.52 10.58
CA MET A 687 -25.62 -16.99 11.75
C MET A 687 -24.76 -15.92 12.40
N SER A 688 -25.19 -14.65 12.32
CA SER A 688 -24.50 -13.49 12.89
C SER A 688 -24.06 -13.67 14.32
N GLU A 689 -24.85 -14.39 15.12
CA GLU A 689 -24.59 -14.65 16.54
C GLU A 689 -23.29 -15.40 16.78
N LEU A 690 -22.84 -16.20 15.82
CA LEU A 690 -21.60 -16.95 15.95
C LEU A 690 -20.34 -16.13 15.62
N LEU A 691 -20.50 -14.86 15.16
CA LEU A 691 -19.37 -14.00 14.83
C LEU A 691 -19.51 -12.65 15.57
N PHE A 692 -20.53 -11.86 15.19
CA PHE A 692 -20.88 -10.60 15.84
C PHE A 692 -22.27 -10.19 15.35
N GLN A 693 -23.20 -9.91 16.28
CA GLN A 693 -24.56 -9.53 15.89
C GLN A 693 -24.60 -8.12 15.28
N ASN A 694 -23.67 -7.24 15.66
CA ASN A 694 -23.65 -5.88 15.19
C ASN A 694 -22.26 -5.46 14.78
N ASN A 695 -22.16 -4.72 13.68
CA ASN A 695 -20.88 -4.25 13.19
C ASN A 695 -20.76 -2.79 13.55
N GLU A 696 -19.71 -2.43 14.29
CA GLU A 696 -19.49 -1.04 14.65
C GLU A 696 -18.30 -0.46 13.93
N ILE A 697 -18.48 0.71 13.31
CA ILE A 697 -17.47 1.40 12.54
C ILE A 697 -17.43 2.88 12.91
N ILE A 698 -16.24 3.49 12.93
CA ILE A 698 -16.14 4.92 13.17
C ILE A 698 -15.94 5.59 11.83
N PHE A 699 -16.76 6.59 11.52
CA PHE A 699 -16.60 7.35 10.29
C PHE A 699 -16.03 8.68 10.70
N LYS A 700 -14.84 9.03 10.21
CA LYS A 700 -14.21 10.27 10.58
C LYS A 700 -13.99 11.17 9.40
N ASN A 701 -14.41 12.41 9.52
CA ASN A 701 -14.26 13.43 8.50
C ASN A 701 -13.34 14.52 9.12
N GLY A 702 -12.12 14.68 8.58
CA GLY A 702 -11.17 15.66 9.07
C GLY A 702 -9.75 15.19 9.34
N ASP A 703 -9.54 13.88 9.50
CA ASP A 703 -8.20 13.35 9.79
C ASP A 703 -7.58 12.71 8.53
N ASP A 704 -6.28 12.88 8.36
CA ASP A 704 -5.57 12.22 7.27
C ASP A 704 -5.31 10.81 7.79
N LEU A 705 -6.12 9.81 7.38
CA LEU A 705 -5.99 8.43 7.87
C LEU A 705 -4.90 7.61 7.20
N ARG A 706 -4.10 8.22 6.31
CA ARG A 706 -3.06 7.51 5.60
C ARG A 706 -1.93 7.04 6.48
N GLN A 707 -1.55 7.83 7.50
CA GLN A 707 -0.46 7.42 8.39
C GLN A 707 -0.89 6.24 9.25
N ASP A 708 -2.18 6.23 9.69
CA ASP A 708 -2.76 5.15 10.48
C ASP A 708 -2.83 3.90 9.60
N MET A 709 -3.24 4.05 8.33
CA MET A 709 -3.28 2.92 7.39
C MET A 709 -1.93 2.29 7.27
N LEU A 710 -0.88 3.12 7.09
CA LEU A 710 0.47 2.64 6.89
C LEU A 710 1.02 1.97 8.14
N THR A 711 0.74 2.54 9.31
CA THR A 711 1.19 1.95 10.58
C THR A 711 0.51 0.61 10.88
N LEU A 712 -0.80 0.54 10.61
CA LEU A 712 -1.55 -0.69 10.81
C LEU A 712 -1.12 -1.78 9.83
N GLN A 713 -0.68 -1.41 8.62
CA GLN A 713 -0.18 -2.39 7.67
C GLN A 713 1.17 -2.91 8.14
N ILE A 714 2.05 -2.01 8.59
CA ILE A 714 3.37 -2.39 9.05
C ILE A 714 3.31 -3.33 10.25
N ILE A 715 2.40 -3.05 11.22
CA ILE A 715 2.16 -3.86 12.43
C ILE A 715 1.73 -5.29 12.02
N ARG A 716 0.86 -5.40 11.00
CA ARG A 716 0.39 -6.67 10.47
C ARG A 716 1.60 -7.44 9.91
N ILE A 717 2.46 -6.79 9.10
CA ILE A 717 3.63 -7.41 8.50
C ILE A 717 4.61 -7.85 9.56
N MET A 718 4.86 -7.02 10.58
CA MET A 718 5.71 -7.37 11.71
C MET A 718 5.19 -8.63 12.41
N GLU A 719 3.87 -8.69 12.67
CA GLU A 719 3.28 -9.85 13.30
C GLU A 719 3.47 -11.12 12.47
N ASN A 720 3.41 -11.03 11.14
CA ASN A 720 3.64 -12.20 10.29
C ASN A 720 5.08 -12.67 10.39
N ILE A 721 6.04 -11.72 10.46
CA ILE A 721 7.47 -12.02 10.60
C ILE A 721 7.67 -12.81 11.90
N TRP A 722 7.05 -12.33 12.99
CA TRP A 722 7.15 -12.96 14.30
C TRP A 722 6.52 -14.32 14.31
N GLN A 723 5.26 -14.45 13.86
CA GLN A 723 4.54 -15.72 13.84
C GLN A 723 5.30 -16.80 13.06
N ASN A 724 5.83 -16.46 11.86
CA ASN A 724 6.58 -17.42 11.05
C ASN A 724 7.87 -17.88 11.72
N GLN A 725 8.49 -16.99 12.51
CA GLN A 725 9.72 -17.29 13.24
C GLN A 725 9.51 -17.97 14.59
N GLY A 726 8.29 -18.44 14.87
CA GLY A 726 7.99 -19.07 16.14
C GLY A 726 7.85 -18.11 17.30
N LEU A 727 7.56 -16.84 17.01
CA LEU A 727 7.40 -15.82 18.04
C LEU A 727 5.95 -15.38 18.13
N ASP A 728 5.19 -15.94 19.06
CA ASP A 728 3.77 -15.60 19.20
C ASP A 728 3.50 -14.26 19.88
N LEU A 729 3.68 -13.14 19.17
CA LEU A 729 3.41 -11.82 19.74
C LEU A 729 2.12 -11.27 19.12
N ARG A 730 1.00 -11.46 19.80
CA ARG A 730 -0.33 -11.05 19.33
C ARG A 730 -0.50 -9.52 19.14
N MET A 731 -0.64 -9.05 17.91
CA MET A 731 -0.86 -7.63 17.62
C MET A 731 -2.30 -7.40 17.21
N LEU A 732 -2.74 -6.12 17.13
CA LEU A 732 -4.11 -5.82 16.69
C LEU A 732 -4.19 -4.81 15.57
N PRO A 733 -3.86 -5.22 14.33
CA PRO A 733 -3.96 -4.28 13.22
C PRO A 733 -5.41 -4.19 12.76
N TYR A 734 -6.24 -3.40 13.48
CA TYR A 734 -7.63 -3.25 13.09
C TYR A 734 -7.72 -2.50 11.76
N GLY A 735 -8.88 -2.59 11.12
CA GLY A 735 -9.12 -1.98 9.83
C GLY A 735 -9.18 -0.48 9.87
N CYS A 736 -8.63 0.16 8.85
CA CYS A 736 -8.63 1.62 8.69
C CYS A 736 -8.48 1.84 7.21
N LEU A 737 -9.39 2.64 6.64
CA LEU A 737 -9.38 2.87 5.21
C LEU A 737 -9.62 4.33 4.90
N SER A 738 -8.67 4.95 4.18
CA SER A 738 -8.83 6.30 3.69
C SER A 738 -9.77 6.23 2.48
N ILE A 739 -10.88 6.97 2.54
CA ILE A 739 -11.97 6.99 1.56
C ILE A 739 -11.83 8.15 0.55
N GLY A 740 -11.12 9.19 0.97
CA GLY A 740 -10.90 10.39 0.18
C GLY A 740 -10.00 11.36 0.92
N ASP A 741 -10.15 12.64 0.63
CA ASP A 741 -9.39 13.72 1.25
C ASP A 741 -9.77 13.90 2.71
N CYS A 742 -8.93 13.34 3.60
CA CYS A 742 -9.12 13.39 5.04
C CYS A 742 -10.45 12.82 5.51
N VAL A 743 -10.96 11.81 4.86
CA VAL A 743 -12.20 11.13 5.26
C VAL A 743 -11.89 9.63 5.28
N GLY A 744 -12.57 8.87 6.15
CA GLY A 744 -12.32 7.44 6.22
C GLY A 744 -13.06 6.70 7.30
N LEU A 745 -12.80 5.40 7.36
CA LEU A 745 -13.44 4.44 8.25
C LEU A 745 -12.42 3.77 9.12
N ILE A 746 -12.80 3.49 10.37
CA ILE A 746 -11.94 2.84 11.35
C ILE A 746 -12.75 1.70 11.97
N GLU A 747 -12.16 0.52 12.10
CA GLU A 747 -12.81 -0.63 12.70
C GLU A 747 -12.83 -0.53 14.23
N VAL A 748 -14.01 -0.68 14.82
CA VAL A 748 -14.15 -0.69 16.27
C VAL A 748 -13.82 -2.07 16.80
N VAL A 749 -12.86 -2.16 17.72
CA VAL A 749 -12.50 -3.43 18.34
C VAL A 749 -13.49 -3.68 19.49
N ARG A 750 -14.24 -4.77 19.39
CA ARG A 750 -15.23 -5.15 20.38
C ARG A 750 -14.56 -5.51 21.72
N ASN A 751 -15.26 -5.23 22.83
CA ASN A 751 -14.80 -5.55 24.18
C ASN A 751 -13.49 -4.86 24.57
N SER A 752 -13.29 -3.61 24.15
CA SER A 752 -12.06 -2.88 24.47
C SER A 752 -12.30 -1.66 25.36
N HIS A 753 -11.27 -1.24 26.11
CA HIS A 753 -11.35 -0.11 27.05
C HIS A 753 -10.00 0.57 27.08
N THR A 754 -9.96 1.92 27.19
CA THR A 754 -8.65 2.59 27.30
C THR A 754 -8.07 2.34 28.73
N ILE A 755 -6.75 2.54 28.89
CA ILE A 755 -6.12 2.42 30.21
C ILE A 755 -6.73 3.48 31.18
N MET A 756 -7.06 4.69 30.66
CA MET A 756 -7.69 5.79 31.40
C MET A 756 -9.00 5.35 32.05
N GLN A 757 -9.86 4.66 31.30
CA GLN A 757 -11.15 4.20 31.77
C GLN A 757 -10.98 3.14 32.87
N ILE A 758 -10.01 2.24 32.70
CA ILE A 758 -9.74 1.21 33.69
C ILE A 758 -9.19 1.84 35.00
N GLN A 759 -8.28 2.81 34.85
CA GLN A 759 -7.61 3.50 35.94
C GLN A 759 -8.51 4.37 36.83
N CYS A 760 -9.49 5.09 36.25
CA CYS A 760 -10.36 5.93 37.08
C CYS A 760 -11.62 5.20 37.56
N LYS A 761 -11.63 3.86 37.50
CA LYS A 761 -12.72 2.99 37.94
C LYS A 761 -14.08 3.47 37.44
N GLY A 762 -14.11 4.01 36.22
CA GLY A 762 -15.33 4.50 35.59
C GLY A 762 -15.89 5.77 36.21
N GLY A 763 -14.99 6.65 36.65
CA GLY A 763 -15.36 7.92 37.26
C GLY A 763 -15.04 8.09 38.73
N LEU A 764 -14.95 6.99 39.50
CA LEU A 764 -14.69 7.09 40.94
C LEU A 764 -13.31 7.69 41.31
N LYS A 765 -12.22 7.13 40.78
CA LYS A 765 -10.87 7.65 41.06
C LYS A 765 -10.52 8.85 40.17
N GLY A 766 -9.66 9.71 40.70
CA GLY A 766 -9.10 10.86 39.98
C GLY A 766 -7.63 10.61 39.72
N ALA A 767 -7.04 11.26 38.68
CA ALA A 767 -5.64 11.07 38.30
C ALA A 767 -4.63 11.19 39.44
N LEU A 768 -4.92 12.10 40.37
CA LEU A 768 -4.07 12.33 41.54
C LEU A 768 -4.03 11.11 42.47
N GLN A 769 -5.07 10.26 42.45
CA GLN A 769 -5.21 9.05 43.26
C GLN A 769 -5.17 7.79 42.38
N PHE A 770 -4.36 7.80 41.31
CA PHE A 770 -4.28 6.67 40.41
C PHE A 770 -3.28 5.63 40.92
N ASN A 771 -3.78 4.46 41.33
CA ASN A 771 -2.91 3.40 41.81
C ASN A 771 -2.35 2.67 40.59
N SER A 772 -1.03 2.40 40.55
CA SER A 772 -0.46 1.63 39.44
C SER A 772 -0.88 0.13 39.46
N HIS A 773 -1.62 -0.30 40.50
CA HIS A 773 -2.10 -1.67 40.66
C HIS A 773 -3.49 -1.88 40.10
N THR A 774 -4.23 -0.82 39.75
CA THR A 774 -5.62 -0.89 39.25
C THR A 774 -5.80 -1.77 38.00
N LEU A 775 -4.94 -1.57 36.95
CA LEU A 775 -4.99 -2.34 35.69
C LEU A 775 -4.93 -3.84 35.96
N HIS A 776 -3.94 -4.27 36.77
CA HIS A 776 -3.80 -5.68 37.13
C HIS A 776 -5.03 -6.24 37.87
N GLN A 777 -5.60 -5.47 38.79
CA GLN A 777 -6.78 -5.88 39.53
C GLN A 777 -7.98 -6.04 38.59
N TRP A 778 -8.19 -5.09 37.65
CA TRP A 778 -9.26 -5.16 36.66
C TRP A 778 -9.15 -6.44 35.80
N LEU A 779 -7.92 -6.82 35.44
CA LEU A 779 -7.68 -8.01 34.64
C LEU A 779 -7.96 -9.28 35.43
N LYS A 780 -7.66 -9.28 36.74
CA LYS A 780 -7.91 -10.42 37.61
C LYS A 780 -9.43 -10.62 37.80
N ASP A 781 -10.21 -9.54 37.90
CA ASP A 781 -11.67 -9.66 38.04
C ASP A 781 -12.33 -10.18 36.76
N LYS A 782 -11.78 -9.79 35.60
CA LYS A 782 -12.29 -10.22 34.30
C LYS A 782 -11.82 -11.64 33.91
N ASN A 783 -10.72 -12.11 34.51
CA ASN A 783 -10.20 -13.46 34.25
C ASN A 783 -9.90 -14.18 35.57
N LYS A 784 -10.90 -14.79 36.21
CA LYS A 784 -10.66 -15.49 37.48
C LYS A 784 -10.41 -16.98 37.24
N GLY A 785 -9.42 -17.54 37.92
CA GLY A 785 -9.10 -18.96 37.81
C GLY A 785 -7.96 -19.34 36.88
N GLU A 786 -8.16 -20.41 36.09
CA GLU A 786 -7.14 -20.89 35.14
C GLU A 786 -6.97 -19.91 33.97
N ILE A 787 -8.08 -19.25 33.56
CA ILE A 787 -8.10 -18.26 32.50
C ILE A 787 -7.27 -17.00 32.84
N TYR A 788 -6.84 -16.85 34.11
CA TYR A 788 -6.02 -15.73 34.53
C TYR A 788 -4.62 -15.82 33.91
N ASP A 789 -4.00 -17.01 33.93
CA ASP A 789 -2.66 -17.21 33.39
C ASP A 789 -2.56 -16.89 31.89
N ALA A 790 -3.65 -17.17 31.14
CA ALA A 790 -3.78 -16.90 29.71
C ALA A 790 -3.84 -15.40 29.46
N ALA A 791 -4.55 -14.65 30.32
CA ALA A 791 -4.69 -13.21 30.18
C ALA A 791 -3.37 -12.50 30.44
N ILE A 792 -2.62 -12.95 31.46
CA ILE A 792 -1.32 -12.35 31.79
C ILE A 792 -0.32 -12.62 30.66
N ASP A 793 -0.37 -13.84 30.08
CA ASP A 793 0.52 -14.23 29.01
C ASP A 793 0.18 -13.44 27.74
N LEU A 794 -1.11 -13.33 27.39
CA LEU A 794 -1.55 -12.57 26.22
C LEU A 794 -1.18 -11.09 26.37
N PHE A 795 -1.36 -10.52 27.59
CA PHE A 795 -0.99 -9.14 27.87
C PHE A 795 0.48 -8.94 27.68
N THR A 796 1.30 -9.89 28.16
CA THR A 796 2.75 -9.83 28.08
C THR A 796 3.21 -9.86 26.63
N ARG A 797 2.71 -10.81 25.85
CA ARG A 797 3.09 -10.95 24.45
CA ARG A 797 3.09 -10.96 24.45
C ARG A 797 2.65 -9.77 23.60
N SER A 798 1.42 -9.28 23.80
CA SER A 798 0.93 -8.12 23.05
C SER A 798 1.66 -6.83 23.47
N CYS A 799 1.95 -6.67 24.77
CA CYS A 799 2.67 -5.51 25.29
C CYS A 799 4.10 -5.53 24.71
N ALA A 800 4.74 -6.72 24.64
CA ALA A 800 6.07 -6.85 24.06
C ALA A 800 6.10 -6.44 22.58
N GLY A 801 5.10 -6.89 21.82
CA GLY A 801 5.00 -6.56 20.40
C GLY A 801 4.86 -5.07 20.16
N TYR A 802 4.00 -4.39 20.96
CA TYR A 802 3.76 -2.96 20.81
C TYR A 802 4.94 -2.10 21.30
N CYS A 803 5.72 -2.61 22.26
CA CYS A 803 6.89 -1.89 22.75
C CYS A 803 7.94 -1.84 21.65
N VAL A 804 8.19 -2.99 21.03
CA VAL A 804 9.17 -3.08 19.97
C VAL A 804 8.69 -2.32 18.75
N ALA A 805 7.43 -2.55 18.32
CA ALA A 805 6.88 -1.89 17.14
C ALA A 805 6.94 -0.37 17.24
N THR A 806 6.41 0.23 18.32
CA THR A 806 6.38 1.67 18.49
C THR A 806 7.80 2.23 18.55
N PHE A 807 8.76 1.46 19.11
CA PHE A 807 10.15 1.88 19.20
C PHE A 807 10.79 1.98 17.81
N ILE A 808 10.74 0.90 17.02
CA ILE A 808 11.31 0.87 15.69
C ILE A 808 10.70 1.95 14.76
N LEU A 809 9.40 2.12 14.85
CA LEU A 809 8.69 3.06 13.99
C LEU A 809 8.67 4.51 14.47
N GLY A 810 9.11 4.74 15.70
CA GLY A 810 9.10 6.08 16.28
C GLY A 810 7.71 6.65 16.41
N ILE A 811 6.80 5.88 17.01
CA ILE A 811 5.42 6.32 17.21
C ILE A 811 5.40 7.23 18.45
N GLY A 812 4.92 8.45 18.25
CA GLY A 812 4.80 9.43 19.33
C GLY A 812 3.46 9.40 20.03
N ASP A 813 3.20 10.44 20.85
CA ASP A 813 2.03 10.57 21.70
C ASP A 813 2.11 9.42 22.73
N ARG A 814 1.30 8.37 22.65
CA ARG A 814 1.38 7.23 23.57
C ARG A 814 1.10 7.64 25.03
N HIS A 815 -0.15 7.42 25.44
CA HIS A 815 -0.73 7.77 26.73
C HIS A 815 -1.93 6.85 27.06
N ASN A 816 -2.47 6.96 28.29
CA ASN A 816 -3.56 6.11 28.76
C ASN A 816 -4.86 6.17 27.93
N SER A 817 -4.99 7.16 27.04
CA SER A 817 -6.18 7.29 26.22
C SER A 817 -6.03 6.78 24.77
N ASN A 818 -4.79 6.53 24.33
CA ASN A 818 -4.57 5.93 23.01
C ASN A 818 -3.98 4.51 23.11
N ILE A 819 -4.01 3.92 24.33
CA ILE A 819 -3.56 2.56 24.61
C ILE A 819 -4.75 1.85 25.18
N MET A 820 -5.16 0.74 24.58
CA MET A 820 -6.38 0.04 24.97
C MET A 820 -6.12 -1.41 25.35
N VAL A 821 -7.04 -2.01 26.10
CA VAL A 821 -6.94 -3.39 26.53
C VAL A 821 -8.30 -4.06 26.33
N LYS A 822 -8.28 -5.34 25.90
CA LYS A 822 -9.49 -6.13 25.78
C LYS A 822 -9.65 -6.94 27.07
N ASP A 823 -10.87 -7.45 27.31
CA ASP A 823 -11.22 -8.30 28.46
C ASP A 823 -10.27 -9.47 28.65
N ASP A 824 -9.81 -10.08 27.55
CA ASP A 824 -8.91 -11.24 27.61
C ASP A 824 -7.42 -10.91 27.87
N GLY A 825 -7.09 -9.63 28.03
CA GLY A 825 -5.72 -9.23 28.29
C GLY A 825 -4.98 -8.65 27.10
N GLN A 826 -5.58 -8.67 25.91
CA GLN A 826 -4.91 -8.16 24.72
C GLN A 826 -4.77 -6.65 24.67
N LEU A 827 -3.51 -6.18 24.66
CA LEU A 827 -3.19 -4.76 24.62
C LEU A 827 -2.89 -4.31 23.20
N PHE A 828 -3.38 -3.14 22.83
CA PHE A 828 -3.14 -2.57 21.52
C PHE A 828 -3.14 -1.05 21.55
N HIS A 829 -2.61 -0.44 20.51
CA HIS A 829 -2.57 1.01 20.38
C HIS A 829 -3.51 1.46 19.29
N ILE A 830 -3.98 2.72 19.39
CA ILE A 830 -4.85 3.37 18.42
C ILE A 830 -4.28 4.76 18.08
N ASP A 831 -4.79 5.42 17.02
CA ASP A 831 -4.40 6.78 16.68
C ASP A 831 -2.89 6.99 16.58
N PHE A 832 -2.31 6.67 15.42
CA PHE A 832 -0.90 6.81 15.13
C PHE A 832 -0.80 8.12 14.37
N GLY A 833 -0.86 9.22 15.10
CA GLY A 833 -0.80 10.54 14.50
C GLY A 833 0.48 10.72 13.71
N HIS A 834 1.59 10.44 14.39
CA HIS A 834 2.88 10.56 13.76
C HIS A 834 3.78 9.35 13.95
N PHE A 835 4.71 9.21 13.01
CA PHE A 835 5.74 8.18 13.02
C PHE A 835 7.09 8.76 12.52
N LEU A 836 8.15 7.95 12.55
CA LEU A 836 9.50 8.27 12.08
C LEU A 836 10.13 9.49 12.76
N ASP A 837 9.76 9.72 14.05
CA ASP A 837 10.20 10.84 14.88
C ASP A 837 10.74 10.32 16.22
N LEU A 854 6.65 2.14 28.54
CA LEU A 854 6.21 0.93 29.25
C LEU A 854 5.98 1.24 30.73
N THR A 855 4.79 1.76 31.05
CA THR A 855 4.37 2.19 32.40
C THR A 855 4.56 1.14 33.53
N GLN A 856 4.55 1.62 34.79
CA GLN A 856 4.64 0.73 35.96
C GLN A 856 3.42 -0.19 36.02
N ASP A 857 2.25 0.29 35.58
CA ASP A 857 0.98 -0.44 35.51
C ASP A 857 1.12 -1.70 34.66
N PHE A 858 1.86 -1.62 33.54
CA PHE A 858 2.02 -2.77 32.65
C PHE A 858 2.96 -3.82 33.26
N LEU A 859 4.00 -3.36 33.97
CA LEU A 859 4.97 -4.21 34.65
C LEU A 859 4.32 -5.02 35.77
N ILE A 860 3.33 -4.43 36.48
CA ILE A 860 2.59 -5.12 37.53
C ILE A 860 1.77 -6.27 36.94
N VAL A 861 1.17 -6.07 35.77
CA VAL A 861 0.40 -7.12 35.11
C VAL A 861 1.35 -8.24 34.66
N ILE A 862 2.45 -7.87 33.97
CA ILE A 862 3.44 -8.81 33.45
C ILE A 862 4.02 -9.70 34.56
N SER A 863 4.32 -9.10 35.72
CA SER A 863 4.89 -9.83 36.88
C SER A 863 3.85 -10.42 37.83
N LYS A 864 2.58 -10.45 37.43
CA LYS A 864 1.43 -11.01 38.16
C LYS A 864 1.15 -10.40 39.53
N GLY A 865 1.58 -9.17 39.75
CA GLY A 865 1.29 -8.46 41.00
C GLY A 865 2.46 -8.10 41.89
N ALA A 866 3.66 -8.62 41.60
CA ALA A 866 4.84 -8.36 42.43
C ALA A 866 5.24 -6.89 42.46
N GLN A 867 5.73 -6.41 43.61
CA GLN A 867 6.13 -5.01 43.74
C GLN A 867 7.52 -4.78 43.11
N GLU A 868 8.42 -5.79 43.21
CA GLU A 868 9.76 -5.73 42.61
C GLU A 868 9.65 -6.42 41.25
N CYS A 869 8.75 -5.89 40.39
CA CYS A 869 8.40 -6.39 39.06
C CYS A 869 9.57 -6.46 38.08
N THR A 870 10.53 -5.50 38.15
CA THR A 870 11.70 -5.56 37.27
C THR A 870 12.71 -6.67 37.67
N LYS A 871 12.44 -7.40 38.76
CA LYS A 871 13.30 -8.45 39.27
C LYS A 871 12.69 -9.86 39.19
N THR A 872 11.41 -9.99 38.79
CA THR A 872 10.77 -11.31 38.68
C THR A 872 11.25 -12.12 37.46
N ARG A 873 10.96 -13.43 37.43
CA ARG A 873 11.29 -14.30 36.30
C ARG A 873 10.41 -13.98 35.08
N GLU A 874 9.18 -13.45 35.31
CA GLU A 874 8.25 -13.06 34.26
C GLU A 874 8.77 -11.84 33.48
N PHE A 875 9.49 -10.93 34.15
CA PHE A 875 10.07 -9.76 33.48
C PHE A 875 11.26 -10.15 32.61
N GLU A 876 12.02 -11.17 33.04
CA GLU A 876 13.15 -11.68 32.27
C GLU A 876 12.62 -12.37 31.01
N ARG A 877 11.49 -13.11 31.12
CA ARG A 877 10.84 -13.79 29.98
C ARG A 877 10.26 -12.76 28.98
N PHE A 878 9.70 -11.65 29.50
CA PHE A 878 9.18 -10.54 28.70
C PHE A 878 10.32 -9.83 27.98
N GLN A 879 11.46 -9.64 28.67
CA GLN A 879 12.63 -9.01 28.08
C GLN A 879 13.17 -9.82 26.91
N GLU A 880 13.21 -11.15 27.06
CA GLU A 880 13.70 -12.03 26.00
C GLU A 880 12.78 -11.97 24.78
N MET A 881 11.46 -11.83 24.99
CA MET A 881 10.46 -11.69 23.95
C MET A 881 10.77 -10.43 23.12
N CYS A 882 11.04 -9.31 23.80
CA CYS A 882 11.36 -8.07 23.14
C CYS A 882 12.65 -8.15 22.33
N TYR A 883 13.70 -8.78 22.86
CA TYR A 883 14.97 -8.89 22.15
C TYR A 883 14.82 -9.70 20.89
N LYS A 884 14.13 -10.84 20.97
CA LYS A 884 13.91 -11.69 19.81
C LYS A 884 13.04 -10.97 18.78
N ALA A 885 12.00 -10.24 19.22
CA ALA A 885 11.13 -9.49 18.31
C ALA A 885 11.89 -8.40 17.59
N TYR A 886 12.77 -7.71 18.30
CA TYR A 886 13.56 -6.65 17.74
C TYR A 886 14.52 -7.19 16.68
N LEU A 887 15.18 -8.34 16.97
CA LEU A 887 16.13 -8.93 16.03
C LEU A 887 15.44 -9.48 14.80
N ALA A 888 14.20 -9.98 14.93
CA ALA A 888 13.45 -10.54 13.80
C ALA A 888 13.13 -9.45 12.77
N ILE A 889 12.76 -8.26 13.25
CA ILE A 889 12.45 -7.15 12.36
C ILE A 889 13.73 -6.57 11.77
N ARG A 890 14.85 -6.58 12.53
CA ARG A 890 16.14 -6.11 12.04
C ARG A 890 16.60 -6.96 10.85
N GLN A 891 16.34 -8.29 10.89
CA GLN A 891 16.67 -9.21 9.81
C GLN A 891 15.85 -8.95 8.52
N HIS A 892 14.69 -8.28 8.64
CA HIS A 892 13.82 -7.93 7.52
C HIS A 892 13.77 -6.43 7.22
N ALA A 893 14.79 -5.68 7.65
CA ALA A 893 14.88 -4.25 7.46
C ALA A 893 14.70 -3.76 6.01
N ASN A 894 15.28 -4.44 5.02
CA ASN A 894 15.13 -4.01 3.63
C ASN A 894 13.65 -3.95 3.20
N LEU A 895 12.81 -4.89 3.68
CA LEU A 895 11.39 -4.89 3.35
C LEU A 895 10.74 -3.64 3.90
N PHE A 896 10.97 -3.32 5.19
CA PHE A 896 10.38 -2.14 5.80
C PHE A 896 10.87 -0.85 5.17
N ILE A 897 12.19 -0.73 4.89
CA ILE A 897 12.80 0.43 4.22
C ILE A 897 12.11 0.63 2.85
N ASN A 898 11.90 -0.49 2.11
CA ASN A 898 11.23 -0.47 0.81
C ASN A 898 9.77 -0.05 0.89
N LEU A 899 9.03 -0.54 1.87
CA LEU A 899 7.61 -0.18 2.03
C LEU A 899 7.45 1.30 2.31
N PHE A 900 8.34 1.88 3.13
CA PHE A 900 8.30 3.32 3.41
C PHE A 900 8.73 4.13 2.18
N SER A 901 9.81 3.70 1.53
CA SER A 901 10.35 4.35 0.35
C SER A 901 9.33 4.46 -0.78
N MET A 902 8.53 3.40 -0.96
CA MET A 902 7.49 3.34 -1.99
C MET A 902 6.37 4.34 -1.74
N MET A 903 6.17 4.78 -0.48
CA MET A 903 5.17 5.76 -0.06
C MET A 903 5.61 7.22 -0.22
N LEU A 904 6.88 7.47 -0.57
CA LEU A 904 7.43 8.80 -0.76
C LEU A 904 6.74 9.62 -1.88
N GLY A 905 5.72 9.04 -2.53
CA GLY A 905 4.97 9.74 -3.55
C GLY A 905 3.57 10.11 -3.11
N SER A 906 3.20 9.78 -1.86
CA SER A 906 1.87 10.05 -1.33
C SER A 906 1.63 11.50 -0.97
N GLY A 907 2.67 12.15 -0.47
CA GLY A 907 2.55 13.51 0.02
C GLY A 907 2.17 13.53 1.49
N MET A 908 2.60 12.49 2.23
CA MET A 908 2.33 12.43 3.65
C MET A 908 3.35 13.34 4.31
N PRO A 909 2.89 14.32 5.09
CA PRO A 909 3.85 15.25 5.72
C PRO A 909 5.01 14.63 6.50
N GLU A 910 4.82 13.46 7.15
CA GLU A 910 5.92 12.85 7.90
C GLU A 910 6.75 11.84 7.08
N LEU A 911 6.55 11.80 5.76
CA LEU A 911 7.29 10.90 4.89
C LEU A 911 7.51 11.59 3.55
N GLN A 912 8.49 12.52 3.49
CA GLN A 912 8.76 13.36 2.33
C GLN A 912 10.08 13.09 1.63
N SER A 913 11.06 12.58 2.38
CA SER A 913 12.38 12.30 1.83
C SER A 913 12.96 11.01 2.42
N PHE A 914 14.06 10.52 1.84
CA PHE A 914 14.73 9.32 2.35
C PHE A 914 15.27 9.54 3.77
N ASP A 915 15.56 10.81 4.16
CA ASP A 915 16.02 11.18 5.49
C ASP A 915 14.98 10.82 6.58
N ASP A 916 13.67 10.87 6.23
CA ASP A 916 12.61 10.50 7.15
C ASP A 916 12.63 8.99 7.43
N ILE A 917 12.86 8.19 6.38
CA ILE A 917 12.96 6.73 6.46
C ILE A 917 14.23 6.31 7.20
N ALA A 918 15.30 7.10 7.08
CA ALA A 918 16.55 6.83 7.75
C ALA A 918 16.40 6.73 9.29
N TYR A 919 15.25 7.15 9.85
CA TYR A 919 15.01 7.01 11.28
C TYR A 919 14.99 5.50 11.67
N ILE A 920 14.43 4.66 10.80
CA ILE A 920 14.35 3.22 10.95
C ILE A 920 15.76 2.62 10.95
N ARG A 921 16.68 3.16 10.13
CA ARG A 921 18.07 2.70 10.10
C ARG A 921 18.75 2.88 11.47
N LYS A 922 18.40 3.97 12.17
CA LYS A 922 18.92 4.28 13.48
C LYS A 922 18.35 3.32 14.53
N THR A 923 17.01 3.20 14.64
CA THR A 923 16.39 2.31 15.63
C THR A 923 16.74 0.85 15.38
N LEU A 924 16.87 0.46 14.11
CA LEU A 924 17.28 -0.90 13.78
C LEU A 924 18.80 -1.08 13.84
N ALA A 925 19.58 0.02 14.02
CA ALA A 925 21.04 0.03 14.15
C ALA A 925 21.70 -0.78 13.05
N LEU A 926 21.29 -0.54 11.79
CA LEU A 926 21.78 -1.28 10.63
C LEU A 926 23.28 -1.15 10.36
N ASP A 927 23.91 -0.04 10.81
CA ASP A 927 25.35 0.17 10.65
C ASP A 927 26.22 -0.52 11.71
N LYS A 928 25.60 -1.31 12.58
CA LYS A 928 26.28 -2.04 13.65
C LYS A 928 26.22 -3.57 13.33
N THR A 929 26.70 -4.39 14.26
CA THR A 929 26.64 -5.85 14.15
C THR A 929 25.39 -6.32 14.89
N GLU A 930 24.97 -7.58 14.68
CA GLU A 930 23.79 -8.13 15.38
C GLU A 930 23.89 -7.98 16.90
N GLN A 931 25.07 -8.28 17.47
CA GLN A 931 25.26 -8.13 18.90
C GLN A 931 25.36 -6.67 19.32
N GLU A 932 25.89 -5.78 18.46
CA GLU A 932 25.99 -4.36 18.77
C GLU A 932 24.61 -3.64 18.74
N ALA A 933 23.68 -4.13 17.89
CA ALA A 933 22.32 -3.58 17.78
C ALA A 933 21.48 -4.02 18.96
N LEU A 934 21.63 -5.28 19.41
CA LEU A 934 20.93 -5.81 20.57
C LEU A 934 21.30 -5.03 21.82
N GLU A 935 22.60 -4.67 21.97
CA GLU A 935 23.09 -3.88 23.10
C GLU A 935 22.54 -2.45 23.08
N TYR A 936 22.34 -1.89 21.87
CA TYR A 936 21.75 -0.56 21.65
C TYR A 936 20.28 -0.63 22.11
N PHE A 937 19.57 -1.68 21.69
CA PHE A 937 18.16 -1.88 22.06
C PHE A 937 17.99 -2.11 23.57
N MET A 938 18.93 -2.85 24.18
CA MET A 938 18.92 -3.12 25.63
C MET A 938 19.15 -1.80 26.39
N LYS A 939 20.01 -0.92 25.87
CA LYS A 939 20.28 0.38 26.48
C LYS A 939 19.04 1.29 26.39
N GLN A 940 18.28 1.21 25.28
CA GLN A 940 17.05 1.99 25.10
C GLN A 940 15.96 1.52 26.06
N MET A 941 15.83 0.18 26.21
CA MET A 941 14.86 -0.45 27.11
C MET A 941 15.17 -0.09 28.56
N ASN A 942 16.46 -0.18 28.97
CA ASN A 942 16.90 0.13 30.33
C ASN A 942 16.79 1.62 30.68
N ASP A 943 16.86 2.50 29.67
CA ASP A 943 16.76 3.94 29.90
C ASP A 943 15.31 4.35 30.15
C24 VY4 B . -9.71 8.10 16.05
C29 VY4 B . -8.45 6.08 15.82
C23 VY4 B . -9.48 6.79 16.48
C17 VY4 B . -10.82 6.89 18.56
C22 VY4 B . -10.24 6.17 17.54
C18 VY4 B . -11.55 6.18 19.55
C20 VY4 B . -11.06 4.20 18.50
C26 VY4 B . -7.99 7.93 14.51
C6 VY4 B . -14.56 4.42 23.80
C16 VY4 B . -10.82 8.34 18.89
C10 VY4 B . -13.18 7.64 22.64
C15 VY4 B . -11.63 8.42 20.21
C9 VY4 B . -13.92 6.82 23.70
C31 VY4 B . -12.14 2.11 19.28
C35 VY4 B . -10.64 2.05 17.33
C13 VY4 B . -13.08 5.30 21.98
C32 VY4 B . -11.65 0.70 19.63
C34 VY4 B . -10.23 0.64 17.77
C11 VY4 B . -12.29 6.63 21.87
C12 VY4 B . -10.93 6.48 22.53
C1 VY4 B . -14.22 1.76 24.97
C3 VY4 B . -16.41 2.01 23.72
C4 VY4 B . -14.41 1.02 22.58
C2 VY4 B . -14.89 2.03 23.63
N25 VY4 B . -8.99 8.71 15.08
N28 VY4 B . -7.69 6.61 14.85
N21 VY4 B . -10.36 4.81 17.47
N19 VY4 B . -11.69 4.83 19.56
N14 VY4 B . -12.20 7.06 20.45
N30 VY4 B . -11.07 2.79 18.53
N8 VY4 B . -13.76 5.41 23.28
N27 VY4 B . -7.23 8.51 13.54
O7 VY4 B . -15.28 4.53 24.80
O33 VY4 B . -11.27 0.00 18.47
O5 VY4 B . -14.45 3.27 23.09
H58 VY4 B . -10.52 8.73 16.46
H61 VY4 B . -8.21 5.03 16.07
H57 VY4 B . -11.27 8.95 18.08
H56 VY4 B . -9.78 8.74 19.00
H47 VY4 B . -13.90 8.16 21.98
H48 VY4 B . -12.59 8.46 23.10
H55 VY4 B . -12.47 9.13 20.12
H54 VY4 B . -11.00 8.81 21.04
H46 VY4 B . -15.00 7.11 23.81
H45 VY4 B . -13.50 6.94 24.72
H62 VY4 B . -13.09 2.06 18.68
H63 VY4 B . -12.41 2.64 20.22
H69 VY4 B . -11.45 2.01 16.56
H68 VY4 B . -9.77 2.53 16.83
H53 VY4 B . -12.42 4.40 21.98
H52 VY4 B . -13.80 5.14 21.14
H64 VY4 B . -10.82 0.73 20.38
H65 VY4 B . -12.46 0.07 20.06
H67 VY4 B . -9.29 0.65 18.35
H66 VY4 B . -10.06 -0.02 16.89
H51 VY4 B . -10.35 7.42 22.57
H49 VY4 B . -10.29 5.74 22.01
H50 VY4 B . -11.02 6.13 23.57
H36 VY4 B . -13.13 1.95 24.93
H38 VY4 B . -14.35 0.71 25.28
H37 VY4 B . -14.63 2.37 25.79
H40 VY4 B . -16.81 2.63 24.54
H41 VY4 B . -16.78 0.99 23.91
H39 VY4 B . -16.89 2.36 22.80
H43 VY4 B . -13.31 1.04 22.46
H42 VY4 B . -14.84 1.20 21.59
H44 VY4 B . -14.68 0.00 22.86
H60 VY4 B . -6.50 7.99 13.08
H59 VY4 B . -7.40 9.46 13.25
#